data_2FS1
#
_entry.id   2FS1
#
_cell.length_a   1.000
_cell.length_b   1.000
_cell.length_c   1.000
_cell.angle_alpha   90.00
_cell.angle_beta   90.00
_cell.angle_gamma   90.00
#
_symmetry.space_group_name_H-M   'P 1'
#
_entity_poly.entity_id   1
_entity_poly.type   'polypeptide(L)'
_entity_poly.pdbx_seq_one_letter_code
;MEAVDANSLAQAKEAAIKELKQYGIGDYYIKLINNAKTVEGVESLKNEILKALPTE
;
_entity_poly.pdbx_strand_id   A
#
# COMPACT_ATOMS: atom_id res chain seq x y z
N MET A 1 8.71 -12.54 13.82
CA MET A 1 8.35 -13.45 14.94
C MET A 1 8.43 -12.73 16.28
N GLU A 2 8.14 -11.44 16.28
CA GLU A 2 8.18 -10.64 17.49
C GLU A 2 6.84 -10.68 18.21
N ALA A 3 5.75 -10.62 17.44
CA ALA A 3 4.41 -10.65 18.00
C ALA A 3 3.37 -10.70 16.89
N VAL A 4 3.20 -9.57 16.21
CA VAL A 4 2.23 -9.48 15.12
C VAL A 4 2.56 -8.30 14.22
N ASP A 5 3.85 -7.97 14.11
CA ASP A 5 4.29 -6.86 13.27
C ASP A 5 4.19 -7.22 11.79
N ALA A 6 4.60 -8.43 11.44
CA ALA A 6 4.56 -8.90 10.07
C ALA A 6 3.12 -9.09 9.59
N ASN A 7 2.24 -9.49 10.50
CA ASN A 7 0.84 -9.71 10.16
C ASN A 7 0.15 -8.38 9.86
N SER A 8 0.36 -7.40 10.73
CA SER A 8 -0.24 -6.09 10.56
C SER A 8 0.38 -5.37 9.36
N LEU A 9 1.65 -5.66 9.12
CA LEU A 9 2.37 -5.05 8.00
C LEU A 9 1.78 -5.49 6.67
N ALA A 10 1.53 -6.80 6.55
CA ALA A 10 0.98 -7.37 5.32
C ALA A 10 -0.43 -6.86 5.02
N GLN A 11 -1.12 -6.36 6.05
CA GLN A 11 -2.46 -5.85 5.89
C GLN A 11 -2.45 -4.42 5.36
N ALA A 12 -1.60 -3.58 5.92
CA ALA A 12 -1.49 -2.20 5.48
C ALA A 12 -1.36 -2.15 3.97
N LYS A 13 -0.63 -3.13 3.44
CA LYS A 13 -0.40 -3.23 2.00
C LYS A 13 -1.53 -4.03 1.35
N GLU A 14 -1.75 -5.25 1.85
CA GLU A 14 -2.82 -6.10 1.34
C GLU A 14 -4.10 -5.30 1.26
N ALA A 15 -4.29 -4.43 2.23
CA ALA A 15 -5.47 -3.57 2.30
C ALA A 15 -5.27 -2.32 1.44
N ALA A 16 -4.04 -1.83 1.38
CA ALA A 16 -3.73 -0.63 0.60
C ALA A 16 -3.82 -0.92 -0.90
N ILE A 17 -3.61 -2.18 -1.27
CA ILE A 17 -3.68 -2.57 -2.67
C ILE A 17 -5.13 -2.71 -3.11
N LYS A 18 -5.99 -3.13 -2.18
CA LYS A 18 -7.40 -3.28 -2.47
C LYS A 18 -7.99 -1.96 -2.94
N GLU A 19 -7.50 -0.87 -2.37
CA GLU A 19 -7.96 0.47 -2.75
C GLU A 19 -7.45 0.81 -4.14
N LEU A 20 -6.21 0.42 -4.41
CA LEU A 20 -5.60 0.68 -5.71
C LEU A 20 -6.40 -0.03 -6.80
N LYS A 21 -6.97 -1.18 -6.45
CA LYS A 21 -7.77 -1.95 -7.39
C LYS A 21 -9.18 -1.38 -7.46
N GLN A 22 -9.69 -0.94 -6.32
CA GLN A 22 -11.02 -0.36 -6.26
C GLN A 22 -11.03 1.04 -6.87
N TYR A 23 -9.88 1.70 -6.80
CA TYR A 23 -9.72 3.05 -7.35
C TYR A 23 -9.48 2.99 -8.85
N GLY A 24 -8.63 2.04 -9.25
CA GLY A 24 -8.31 1.89 -10.66
C GLY A 24 -6.86 2.23 -10.96
N ILE A 25 -6.14 2.74 -9.97
CA ILE A 25 -4.73 3.11 -10.17
C ILE A 25 -3.97 1.96 -10.83
N GLY A 26 -2.71 2.20 -11.21
CA GLY A 26 -1.91 1.17 -11.86
C GLY A 26 -1.35 0.17 -10.86
N ASP A 27 -1.15 -1.07 -11.32
CA ASP A 27 -0.62 -2.12 -10.47
C ASP A 27 0.78 -1.76 -9.98
N TYR A 28 1.47 -0.89 -10.71
CA TYR A 28 2.81 -0.47 -10.32
C TYR A 28 2.84 -0.12 -8.84
N TYR A 29 1.88 0.68 -8.44
CA TYR A 29 1.76 1.15 -7.06
C TYR A 29 1.26 0.06 -6.11
N ILE A 30 0.58 -0.95 -6.62
CA ILE A 30 0.14 -2.03 -5.76
C ILE A 30 1.36 -2.89 -5.43
N LYS A 31 2.27 -2.97 -6.40
CA LYS A 31 3.50 -3.73 -6.27
C LYS A 31 4.55 -2.94 -5.49
N LEU A 32 4.76 -1.69 -5.91
CA LEU A 32 5.74 -0.83 -5.25
C LEU A 32 5.51 -0.82 -3.73
N ILE A 33 4.30 -1.19 -3.31
CA ILE A 33 3.93 -1.25 -1.90
C ILE A 33 4.54 -2.50 -1.26
N ASN A 34 4.22 -3.66 -1.83
CA ASN A 34 4.73 -4.93 -1.31
C ASN A 34 6.26 -4.91 -1.19
N ASN A 35 6.91 -4.04 -1.96
CA ASN A 35 8.36 -3.94 -1.93
C ASN A 35 8.87 -3.31 -0.62
N ALA A 36 8.00 -2.58 0.06
CA ALA A 36 8.37 -1.93 1.31
C ALA A 36 8.75 -2.94 2.38
N LYS A 37 9.59 -2.51 3.31
CA LYS A 37 10.04 -3.37 4.41
C LYS A 37 9.22 -3.11 5.66
N THR A 38 8.89 -1.84 5.90
CA THR A 38 8.09 -1.46 7.06
C THR A 38 6.61 -1.44 6.69
N VAL A 39 5.82 -0.62 7.38
CA VAL A 39 4.40 -0.56 7.08
C VAL A 39 3.87 0.88 7.07
N GLU A 40 4.30 1.69 8.03
CA GLU A 40 3.86 3.08 8.13
C GLU A 40 3.94 3.77 6.77
N GLY A 41 4.98 3.45 6.01
CA GLY A 41 5.14 4.03 4.69
C GLY A 41 4.36 3.28 3.63
N VAL A 42 4.12 1.99 3.89
CA VAL A 42 3.39 1.14 2.96
C VAL A 42 1.98 1.67 2.73
N GLU A 43 1.26 1.95 3.82
CA GLU A 43 -0.11 2.44 3.72
C GLU A 43 -0.13 3.85 3.16
N SER A 44 0.71 4.72 3.71
CA SER A 44 0.79 6.10 3.26
C SER A 44 1.34 6.15 1.83
N LEU A 45 2.06 5.10 1.45
CA LEU A 45 2.64 5.02 0.12
C LEU A 45 1.56 5.15 -0.97
N LYS A 46 0.59 4.25 -0.95
CA LYS A 46 -0.49 4.27 -1.92
C LYS A 46 -1.42 5.47 -1.67
N ASN A 47 -1.82 5.67 -0.42
CA ASN A 47 -2.70 6.78 -0.09
C ASN A 47 -2.07 8.11 -0.53
N GLU A 48 -0.74 8.13 -0.57
CA GLU A 48 -0.03 9.33 -0.99
C GLU A 48 -0.04 9.43 -2.51
N ILE A 49 0.06 8.29 -3.17
CA ILE A 49 0.02 8.25 -4.63
C ILE A 49 -1.34 8.73 -5.11
N LEU A 50 -2.34 8.51 -4.28
CA LEU A 50 -3.70 8.89 -4.58
C LEU A 50 -3.90 10.39 -4.33
N LYS A 51 -3.19 10.91 -3.35
CA LYS A 51 -3.26 12.33 -3.03
C LYS A 51 -2.77 13.15 -4.22
N ALA A 52 -2.00 12.50 -5.11
CA ALA A 52 -1.47 13.16 -6.29
C ALA A 52 -1.30 12.17 -7.44
N LEU A 53 -2.40 11.54 -7.84
CA LEU A 53 -2.38 10.58 -8.92
C LEU A 53 -2.02 11.25 -10.25
N PRO A 54 -2.84 12.23 -10.69
CA PRO A 54 -2.60 12.94 -11.94
C PRO A 54 -1.39 13.88 -11.87
N THR A 55 -0.20 13.28 -11.75
CA THR A 55 1.03 14.05 -11.65
C THR A 55 1.82 13.97 -12.97
N GLU A 56 2.88 14.77 -13.06
CA GLU A 56 3.71 14.78 -14.25
C GLU A 56 4.70 13.63 -14.25
N MET A 1 6.83 -13.99 22.67
CA MET A 1 7.87 -13.70 21.64
C MET A 1 7.89 -12.22 21.25
N GLU A 2 6.69 -11.64 21.16
CA GLU A 2 6.57 -10.24 20.79
C GLU A 2 7.20 -9.96 19.44
N ALA A 3 6.75 -10.70 18.43
CA ALA A 3 7.27 -10.53 17.08
C ALA A 3 6.31 -11.10 16.04
N VAL A 4 5.35 -10.26 15.62
CA VAL A 4 4.37 -10.67 14.63
C VAL A 4 3.84 -9.46 13.86
N ASP A 5 4.67 -8.42 13.75
CA ASP A 5 4.29 -7.22 13.04
C ASP A 5 4.05 -7.49 11.55
N ALA A 6 4.68 -8.56 11.05
CA ALA A 6 4.55 -8.93 9.64
C ALA A 6 3.07 -9.11 9.26
N ASN A 7 2.29 -9.65 10.19
CA ASN A 7 0.87 -9.86 9.94
C ASN A 7 0.15 -8.53 9.72
N SER A 8 0.41 -7.59 10.62
CA SER A 8 -0.21 -6.27 10.53
C SER A 8 0.39 -5.48 9.36
N LEU A 9 1.66 -5.75 9.08
CA LEU A 9 2.35 -5.07 7.99
C LEU A 9 1.77 -5.49 6.64
N ALA A 10 1.56 -6.79 6.49
CA ALA A 10 1.02 -7.35 5.25
C ALA A 10 -0.40 -6.86 4.96
N GLN A 11 -1.10 -6.40 6.00
CA GLN A 11 -2.45 -5.92 5.84
C GLN A 11 -2.47 -4.48 5.34
N ALA A 12 -1.62 -3.63 5.92
CA ALA A 12 -1.56 -2.24 5.50
C ALA A 12 -1.40 -2.17 3.98
N LYS A 13 -0.65 -3.12 3.45
CA LYS A 13 -0.42 -3.21 2.01
C LYS A 13 -1.51 -4.02 1.35
N GLU A 14 -1.74 -5.23 1.84
CA GLU A 14 -2.79 -6.09 1.30
C GLU A 14 -4.08 -5.31 1.23
N ALA A 15 -4.28 -4.45 2.22
CA ALA A 15 -5.47 -3.61 2.29
C ALA A 15 -5.29 -2.35 1.44
N ALA A 16 -4.05 -1.86 1.37
CA ALA A 16 -3.75 -0.66 0.60
C ALA A 16 -3.81 -0.93 -0.89
N ILE A 17 -3.60 -2.20 -1.27
CA ILE A 17 -3.64 -2.57 -2.69
C ILE A 17 -5.08 -2.70 -3.15
N LYS A 18 -5.95 -3.14 -2.25
CA LYS A 18 -7.37 -3.30 -2.56
C LYS A 18 -7.95 -1.95 -2.99
N GLU A 19 -7.46 -0.89 -2.37
CA GLU A 19 -7.91 0.46 -2.68
C GLU A 19 -7.42 0.85 -4.08
N LEU A 20 -6.20 0.42 -4.39
CA LEU A 20 -5.62 0.71 -5.70
C LEU A 20 -6.46 0.06 -6.79
N LYS A 21 -7.04 -1.10 -6.46
CA LYS A 21 -7.88 -1.83 -7.40
C LYS A 21 -9.27 -1.22 -7.43
N GLN A 22 -9.74 -0.79 -6.25
CA GLN A 22 -11.05 -0.17 -6.14
C GLN A 22 -11.02 1.23 -6.77
N TYR A 23 -9.86 1.87 -6.71
CA TYR A 23 -9.68 3.20 -7.27
C TYR A 23 -9.45 3.12 -8.77
N GLY A 24 -8.62 2.17 -9.17
CA GLY A 24 -8.31 2.00 -10.57
C GLY A 24 -6.85 2.27 -10.90
N ILE A 25 -6.10 2.78 -9.91
CA ILE A 25 -4.68 3.07 -10.13
C ILE A 25 -3.96 1.88 -10.76
N GLY A 26 -2.69 2.08 -11.14
CA GLY A 26 -1.94 1.00 -11.77
C GLY A 26 -1.36 0.03 -10.75
N ASP A 27 -1.18 -1.22 -11.16
CA ASP A 27 -0.64 -2.25 -10.29
C ASP A 27 0.76 -1.89 -9.82
N TYR A 28 1.46 -1.06 -10.60
CA TYR A 28 2.80 -0.63 -10.24
C TYR A 28 2.85 -0.23 -8.77
N TYR A 29 1.89 0.57 -8.38
CA TYR A 29 1.79 1.08 -7.02
C TYR A 29 1.28 0.03 -6.03
N ILE A 30 0.58 -0.98 -6.50
CA ILE A 30 0.13 -2.03 -5.59
C ILE A 30 1.33 -2.90 -5.24
N LYS A 31 2.23 -3.01 -6.23
CA LYS A 31 3.45 -3.79 -6.09
C LYS A 31 4.51 -3.00 -5.35
N LEU A 32 4.75 -1.76 -5.78
CA LEU A 32 5.75 -0.90 -5.16
C LEU A 32 5.51 -0.84 -3.64
N ILE A 33 4.29 -1.18 -3.22
CA ILE A 33 3.92 -1.21 -1.81
C ILE A 33 4.52 -2.43 -1.12
N ASN A 34 4.20 -3.61 -1.65
CA ASN A 34 4.70 -4.86 -1.09
C ASN A 34 6.23 -4.85 -0.98
N ASN A 35 6.88 -4.01 -1.78
CA ASN A 35 8.33 -3.93 -1.78
C ASN A 35 8.85 -3.28 -0.50
N ALA A 36 8.01 -2.48 0.15
CA ALA A 36 8.40 -1.80 1.38
C ALA A 36 8.81 -2.80 2.46
N LYS A 37 9.63 -2.33 3.39
CA LYS A 37 10.10 -3.16 4.49
C LYS A 37 9.24 -2.96 5.73
N THR A 38 8.88 -1.70 5.99
CA THR A 38 8.06 -1.36 7.14
C THR A 38 6.58 -1.35 6.73
N VAL A 39 5.74 -0.63 7.47
CA VAL A 39 4.32 -0.57 7.14
C VAL A 39 3.79 0.86 7.12
N GLU A 40 4.25 1.68 8.06
CA GLU A 40 3.80 3.07 8.14
C GLU A 40 3.83 3.75 6.77
N GLY A 41 4.94 3.57 6.06
CA GLY A 41 5.06 4.15 4.73
C GLY A 41 4.28 3.38 3.70
N VAL A 42 4.06 2.09 3.95
CA VAL A 42 3.34 1.24 3.03
C VAL A 42 1.92 1.74 2.79
N GLU A 43 1.21 2.02 3.87
CA GLU A 43 -0.17 2.50 3.76
C GLU A 43 -0.21 3.90 3.14
N SER A 44 0.58 4.81 3.71
CA SER A 44 0.64 6.17 3.22
C SER A 44 1.22 6.20 1.80
N LEU A 45 1.98 5.15 1.46
CA LEU A 45 2.60 5.04 0.14
C LEU A 45 1.54 5.17 -0.95
N LYS A 46 0.55 4.28 -0.92
CA LYS A 46 -0.52 4.31 -1.90
C LYS A 46 -1.41 5.53 -1.68
N ASN A 47 -1.74 5.80 -0.43
CA ASN A 47 -2.58 6.96 -0.11
C ASN A 47 -1.93 8.24 -0.61
N GLU A 48 -0.60 8.25 -0.66
CA GLU A 48 0.14 9.41 -1.14
C GLU A 48 0.08 9.46 -2.66
N ILE A 49 0.16 8.28 -3.28
CA ILE A 49 0.10 8.18 -4.73
C ILE A 49 -1.26 8.66 -5.21
N LEU A 50 -2.25 8.47 -4.35
CA LEU A 50 -3.62 8.86 -4.65
C LEU A 50 -3.80 10.36 -4.45
N LYS A 51 -3.03 10.92 -3.51
CA LYS A 51 -3.09 12.36 -3.25
C LYS A 51 -2.80 13.12 -4.54
N ALA A 52 -2.03 12.47 -5.42
CA ALA A 52 -1.67 13.06 -6.70
C ALA A 52 -1.82 12.03 -7.82
N LEU A 53 -2.97 11.36 -7.84
CA LEU A 53 -3.25 10.33 -8.85
C LEU A 53 -3.02 10.86 -10.26
N PRO A 54 -2.19 10.16 -11.07
CA PRO A 54 -1.90 10.58 -12.44
C PRO A 54 -3.07 10.31 -13.38
N THR A 55 -2.80 10.36 -14.69
CA THR A 55 -3.83 10.13 -15.69
C THR A 55 -4.84 11.28 -15.72
N GLU A 56 -4.34 12.49 -15.97
CA GLU A 56 -5.19 13.67 -16.03
C GLU A 56 -4.38 14.90 -16.42
N MET A 1 6.66 -12.84 22.89
CA MET A 1 5.48 -13.53 23.46
C MET A 1 4.58 -14.09 22.36
N GLU A 2 4.21 -13.25 21.41
CA GLU A 2 3.35 -13.67 20.31
C GLU A 2 3.90 -13.18 18.97
N ALA A 3 4.27 -11.90 18.91
CA ALA A 3 4.80 -11.31 17.69
C ALA A 3 3.80 -11.37 16.56
N VAL A 4 3.42 -10.21 16.04
CA VAL A 4 2.47 -10.13 14.95
C VAL A 4 2.69 -8.87 14.11
N ASP A 5 3.95 -8.44 14.04
CA ASP A 5 4.31 -7.25 13.29
C ASP A 5 4.13 -7.48 11.79
N ALA A 6 4.66 -8.59 11.31
CA ALA A 6 4.57 -8.93 9.89
C ALA A 6 3.11 -9.07 9.46
N ASN A 7 2.28 -9.60 10.33
CA ASN A 7 0.86 -9.79 10.04
C ASN A 7 0.17 -8.46 9.85
N SER A 8 0.41 -7.54 10.78
CA SER A 8 -0.18 -6.21 10.71
C SER A 8 0.40 -5.43 9.55
N LEU A 9 1.67 -5.70 9.24
CA LEU A 9 2.35 -5.02 8.14
C LEU A 9 1.72 -5.41 6.81
N ALA A 10 1.48 -6.70 6.64
CA ALA A 10 0.90 -7.22 5.40
C ALA A 10 -0.51 -6.69 5.16
N GLN A 11 -1.16 -6.21 6.21
CA GLN A 11 -2.51 -5.68 6.09
C GLN A 11 -2.49 -4.26 5.56
N ALA A 12 -1.59 -3.44 6.09
CA ALA A 12 -1.48 -2.06 5.64
C ALA A 12 -1.41 -2.01 4.12
N LYS A 13 -0.73 -3.01 3.56
CA LYS A 13 -0.59 -3.13 2.12
C LYS A 13 -1.76 -3.93 1.54
N GLU A 14 -1.94 -5.16 2.03
CA GLU A 14 -3.05 -5.99 1.58
C GLU A 14 -4.32 -5.17 1.54
N ALA A 15 -4.44 -4.27 2.50
CA ALA A 15 -5.59 -3.39 2.59
C ALA A 15 -5.42 -2.17 1.68
N ALA A 16 -4.21 -1.60 1.71
CA ALA A 16 -3.92 -0.42 0.89
C ALA A 16 -4.00 -0.74 -0.61
N ILE A 17 -3.78 -2.01 -0.95
CA ILE A 17 -3.84 -2.42 -2.34
C ILE A 17 -5.28 -2.60 -2.79
N LYS A 18 -6.13 -3.01 -1.86
CA LYS A 18 -7.56 -3.19 -2.15
C LYS A 18 -8.13 -1.90 -2.72
N GLU A 19 -7.61 -0.77 -2.23
CA GLU A 19 -8.06 0.53 -2.71
C GLU A 19 -7.48 0.82 -4.08
N LEU A 20 -6.23 0.39 -4.28
CA LEU A 20 -5.56 0.59 -5.55
C LEU A 20 -6.31 -0.13 -6.66
N LYS A 21 -6.90 -1.27 -6.32
CA LYS A 21 -7.66 -2.05 -7.28
C LYS A 21 -9.06 -1.47 -7.41
N GLN A 22 -9.59 -0.98 -6.30
CA GLN A 22 -10.92 -0.39 -6.28
C GLN A 22 -10.89 0.97 -6.99
N TYR A 23 -9.72 1.61 -6.96
CA TYR A 23 -9.53 2.90 -7.60
C TYR A 23 -9.21 2.72 -9.08
N GLY A 24 -8.32 1.78 -9.37
CA GLY A 24 -7.94 1.52 -10.75
C GLY A 24 -6.53 2.00 -11.06
N ILE A 25 -5.85 2.57 -10.07
CA ILE A 25 -4.49 3.07 -10.28
C ILE A 25 -3.62 2.01 -10.98
N GLY A 26 -2.41 2.39 -11.37
CA GLY A 26 -1.53 1.46 -12.05
C GLY A 26 -1.02 0.36 -11.14
N ASP A 27 -0.84 -0.83 -11.69
CA ASP A 27 -0.36 -1.98 -10.93
C ASP A 27 1.01 -1.68 -10.33
N TYR A 28 1.72 -0.73 -10.93
CA TYR A 28 3.04 -0.34 -10.45
C TYR A 28 3.03 -0.10 -8.94
N TYR A 29 2.02 0.62 -8.50
CA TYR A 29 1.87 1.00 -7.10
C TYR A 29 1.45 -0.16 -6.21
N ILE A 30 0.46 -0.93 -6.60
CA ILE A 30 0.05 -2.07 -5.79
C ILE A 30 1.28 -2.95 -5.55
N LYS A 31 2.21 -2.89 -6.50
CA LYS A 31 3.45 -3.65 -6.42
C LYS A 31 4.52 -2.88 -5.65
N LEU A 32 4.71 -1.61 -6.00
CA LEU A 32 5.70 -0.78 -5.32
C LEU A 32 5.47 -0.80 -3.80
N ILE A 33 4.27 -1.22 -3.40
CA ILE A 33 3.90 -1.32 -1.99
C ILE A 33 4.48 -2.59 -1.38
N ASN A 34 4.14 -3.73 -1.98
CA ASN A 34 4.63 -5.02 -1.49
C ASN A 34 6.14 -5.02 -1.33
N ASN A 35 6.83 -4.13 -2.04
CA ASN A 35 8.29 -4.04 -1.97
C ASN A 35 8.75 -3.38 -0.68
N ALA A 36 7.88 -2.61 -0.04
CA ALA A 36 8.24 -1.93 1.20
C ALA A 36 8.69 -2.92 2.27
N LYS A 37 9.55 -2.45 3.17
CA LYS A 37 10.07 -3.30 4.25
C LYS A 37 9.31 -3.03 5.55
N THR A 38 8.87 -1.79 5.73
CA THR A 38 8.12 -1.40 6.92
C THR A 38 6.63 -1.41 6.60
N VAL A 39 5.84 -0.62 7.33
CA VAL A 39 4.41 -0.57 7.09
C VAL A 39 3.87 0.86 7.06
N GLU A 40 4.31 1.68 8.00
CA GLU A 40 3.85 3.06 8.07
C GLU A 40 3.96 3.74 6.71
N GLY A 41 5.01 3.42 5.98
CA GLY A 41 5.20 4.00 4.66
C GLY A 41 4.38 3.28 3.61
N VAL A 42 4.10 2.00 3.86
CA VAL A 42 3.32 1.20 2.93
C VAL A 42 1.93 1.76 2.72
N GLU A 43 1.19 1.93 3.81
CA GLU A 43 -0.17 2.44 3.75
C GLU A 43 -0.18 3.86 3.18
N SER A 44 0.74 4.69 3.67
CA SER A 44 0.84 6.06 3.22
C SER A 44 1.37 6.11 1.79
N LEU A 45 2.10 5.06 1.40
CA LEU A 45 2.67 4.98 0.05
C LEU A 45 1.58 5.10 -1.01
N LYS A 46 0.61 4.19 -0.98
CA LYS A 46 -0.49 4.20 -1.95
C LYS A 46 -1.40 5.40 -1.69
N ASN A 47 -1.76 5.63 -0.44
CA ASN A 47 -2.63 6.76 -0.12
C ASN A 47 -2.00 8.07 -0.56
N GLU A 48 -0.67 8.09 -0.60
CA GLU A 48 0.05 9.28 -1.04
C GLU A 48 -0.02 9.39 -2.56
N ILE A 49 0.13 8.24 -3.22
CA ILE A 49 0.05 8.20 -4.67
C ILE A 49 -1.31 8.66 -5.14
N LEU A 50 -2.30 8.44 -4.27
CA LEU A 50 -3.67 8.83 -4.56
C LEU A 50 -3.88 10.30 -4.23
N LYS A 51 -3.16 10.79 -3.22
CA LYS A 51 -3.26 12.19 -2.83
C LYS A 51 -3.02 13.09 -4.04
N ALA A 52 -2.28 12.56 -5.01
CA ALA A 52 -1.98 13.31 -6.22
C ALA A 52 -2.31 12.51 -7.47
N LEU A 53 -3.48 11.89 -7.48
CA LEU A 53 -3.92 11.09 -8.63
C LEU A 53 -4.68 11.95 -9.64
N PRO A 54 -5.67 12.75 -9.18
CA PRO A 54 -6.46 13.61 -10.06
C PRO A 54 -5.59 14.48 -10.96
N THR A 55 -5.44 14.05 -12.21
CA THR A 55 -4.63 14.80 -13.18
C THR A 55 -5.15 14.58 -14.59
N GLU A 56 -6.46 14.45 -14.72
CA GLU A 56 -7.10 14.24 -16.01
C GLU A 56 -7.92 15.46 -16.42
N MET A 1 3.25 -13.75 23.21
CA MET A 1 3.57 -12.69 22.23
C MET A 1 4.24 -13.28 20.99
N GLU A 2 5.44 -13.82 21.17
CA GLU A 2 6.19 -14.43 20.07
C GLU A 2 6.52 -13.38 19.01
N ALA A 3 5.56 -13.12 18.11
CA ALA A 3 5.75 -12.14 17.05
C ALA A 3 4.57 -12.15 16.08
N VAL A 4 4.31 -10.99 15.47
CA VAL A 4 3.21 -10.87 14.52
C VAL A 4 3.22 -9.49 13.86
N ASP A 5 4.42 -8.97 13.61
CA ASP A 5 4.58 -7.67 12.98
C ASP A 5 4.33 -7.75 11.48
N ALA A 6 4.71 -8.87 10.88
CA ALA A 6 4.54 -9.08 9.44
C ALA A 6 3.05 -9.17 9.09
N ASN A 7 2.27 -9.79 9.97
CA ASN A 7 0.83 -9.93 9.74
C ASN A 7 0.16 -8.56 9.69
N SER A 8 0.46 -7.71 10.65
CA SER A 8 -0.10 -6.38 10.70
C SER A 8 0.46 -5.52 9.57
N LEU A 9 1.70 -5.80 9.19
CA LEU A 9 2.37 -5.08 8.12
C LEU A 9 1.75 -5.45 6.77
N ALA A 10 1.53 -6.74 6.57
CA ALA A 10 0.97 -7.25 5.31
C ALA A 10 -0.46 -6.74 5.07
N GLN A 11 -1.10 -6.26 6.12
CA GLN A 11 -2.46 -5.76 6.01
C GLN A 11 -2.47 -4.32 5.52
N ALA A 12 -1.56 -3.51 6.05
CA ALA A 12 -1.46 -2.11 5.63
C ALA A 12 -1.41 -2.02 4.12
N LYS A 13 -0.72 -3.00 3.51
CA LYS A 13 -0.60 -3.06 2.06
C LYS A 13 -1.77 -3.83 1.47
N GLU A 14 -1.99 -5.06 1.98
CA GLU A 14 -3.10 -5.87 1.51
C GLU A 14 -4.37 -5.03 1.50
N ALA A 15 -4.46 -4.15 2.49
CA ALA A 15 -5.59 -3.25 2.61
C ALA A 15 -5.39 -2.00 1.75
N ALA A 16 -4.20 -1.43 1.81
CA ALA A 16 -3.88 -0.23 1.03
C ALA A 16 -3.98 -0.49 -0.46
N ILE A 17 -3.81 -1.75 -0.85
CA ILE A 17 -3.89 -2.11 -2.26
C ILE A 17 -5.33 -2.30 -2.68
N LYS A 18 -6.17 -2.72 -1.73
CA LYS A 18 -7.60 -2.91 -2.00
C LYS A 18 -8.18 -1.64 -2.62
N GLU A 19 -7.71 -0.49 -2.13
CA GLU A 19 -8.15 0.79 -2.65
C GLU A 19 -7.52 1.03 -4.01
N LEU A 20 -6.27 0.58 -4.15
CA LEU A 20 -5.54 0.73 -5.40
C LEU A 20 -6.26 -0.02 -6.52
N LYS A 21 -6.89 -1.13 -6.17
CA LYS A 21 -7.62 -1.92 -7.14
C LYS A 21 -9.04 -1.37 -7.30
N GLN A 22 -9.60 -0.89 -6.20
CA GLN A 22 -10.94 -0.31 -6.23
C GLN A 22 -10.93 1.01 -7.00
N TYR A 23 -9.79 1.70 -6.94
CA TYR A 23 -9.63 2.97 -7.63
C TYR A 23 -9.33 2.74 -9.11
N GLY A 24 -8.48 1.77 -9.38
CA GLY A 24 -8.11 1.47 -10.76
C GLY A 24 -6.68 1.86 -11.07
N ILE A 25 -5.98 2.42 -10.08
CA ILE A 25 -4.58 2.84 -10.28
C ILE A 25 -3.77 1.73 -10.95
N GLY A 26 -2.54 2.04 -11.36
CA GLY A 26 -1.69 1.06 -12.02
C GLY A 26 -1.18 0.00 -11.08
N ASP A 27 -0.84 -1.15 -11.63
CA ASP A 27 -0.32 -2.26 -10.83
C ASP A 27 1.05 -1.90 -10.24
N TYR A 28 1.72 -0.96 -10.86
CA TYR A 28 3.03 -0.51 -10.39
C TYR A 28 3.02 -0.24 -8.90
N TYR A 29 1.98 0.44 -8.46
CA TYR A 29 1.82 0.84 -7.06
C TYR A 29 1.47 -0.33 -6.15
N ILE A 30 0.47 -1.11 -6.49
CA ILE A 30 0.13 -2.26 -5.65
C ILE A 30 1.40 -3.08 -5.40
N LYS A 31 2.32 -3.00 -6.37
CA LYS A 31 3.60 -3.69 -6.29
C LYS A 31 4.63 -2.86 -5.54
N LEU A 32 4.78 -1.60 -5.93
CA LEU A 32 5.73 -0.71 -5.27
C LEU A 32 5.49 -0.69 -3.75
N ILE A 33 4.30 -1.15 -3.34
CA ILE A 33 3.92 -1.22 -1.94
C ILE A 33 4.56 -2.44 -1.28
N ASN A 34 4.26 -3.61 -1.84
CA ASN A 34 4.80 -4.87 -1.32
C ASN A 34 6.32 -4.80 -1.17
N ASN A 35 6.96 -3.91 -1.92
CA ASN A 35 8.42 -3.77 -1.87
C ASN A 35 8.87 -3.16 -0.55
N ALA A 36 8.02 -2.35 0.07
CA ALA A 36 8.35 -1.69 1.33
C ALA A 36 8.77 -2.71 2.39
N LYS A 37 9.60 -2.26 3.32
CA LYS A 37 10.09 -3.12 4.40
C LYS A 37 9.28 -2.89 5.68
N THR A 38 8.89 -1.64 5.90
CA THR A 38 8.10 -1.27 7.07
C THR A 38 6.62 -1.34 6.74
N VAL A 39 5.80 -0.54 7.41
CA VAL A 39 4.37 -0.55 7.14
C VAL A 39 3.78 0.85 7.10
N GLU A 40 4.17 1.70 8.05
CA GLU A 40 3.65 3.07 8.11
C GLU A 40 3.75 3.75 6.74
N GLY A 41 4.82 3.44 6.02
CA GLY A 41 5.00 4.03 4.69
C GLY A 41 4.24 3.25 3.63
N VAL A 42 4.04 1.97 3.87
CA VAL A 42 3.33 1.11 2.92
C VAL A 42 1.90 1.61 2.68
N GLU A 43 1.17 1.84 3.75
CA GLU A 43 -0.21 2.32 3.64
C GLU A 43 -0.26 3.73 3.08
N SER A 44 0.53 4.61 3.67
CA SER A 44 0.59 6.00 3.23
C SER A 44 1.16 6.08 1.81
N LEU A 45 1.91 5.06 1.43
CA LEU A 45 2.52 4.99 0.10
C LEU A 45 1.46 5.11 -0.99
N LYS A 46 0.50 4.18 -0.99
CA LYS A 46 -0.56 4.19 -2.00
C LYS A 46 -1.49 5.40 -1.78
N ASN A 47 -1.90 5.61 -0.55
CA ASN A 47 -2.79 6.73 -0.24
C ASN A 47 -2.14 8.05 -0.64
N GLU A 48 -0.81 8.07 -0.62
CA GLU A 48 -0.07 9.27 -1.01
C GLU A 48 -0.05 9.39 -2.52
N ILE A 49 0.11 8.25 -3.19
CA ILE A 49 0.11 8.21 -4.65
C ILE A 49 -1.23 8.68 -5.19
N LEU A 50 -2.26 8.47 -4.39
CA LEU A 50 -3.62 8.85 -4.73
C LEU A 50 -3.83 10.33 -4.47
N LYS A 51 -3.15 10.85 -3.45
CA LYS A 51 -3.25 12.26 -3.11
C LYS A 51 -2.81 13.12 -4.30
N ALA A 52 -2.00 12.51 -5.18
CA ALA A 52 -1.50 13.19 -6.36
C ALA A 52 -1.45 12.24 -7.56
N LEU A 53 -2.60 11.67 -7.90
CA LEU A 53 -2.68 10.74 -9.03
C LEU A 53 -2.22 11.40 -10.33
N PRO A 54 -1.06 10.98 -10.85
CA PRO A 54 -0.51 11.54 -12.10
C PRO A 54 -1.27 11.06 -13.33
N THR A 55 -0.89 11.58 -14.49
CA THR A 55 -1.54 11.20 -15.74
C THR A 55 -3.03 11.52 -15.70
N GLU A 56 -3.39 12.74 -16.09
CA GLU A 56 -4.77 13.16 -16.09
C GLU A 56 -5.49 12.68 -17.35
N MET A 1 0.31 -13.73 19.55
CA MET A 1 0.04 -12.28 19.75
C MET A 1 1.19 -11.61 20.50
N GLU A 2 1.06 -10.31 20.75
CA GLU A 2 2.08 -9.55 21.46
C GLU A 2 3.39 -9.50 20.66
N ALA A 3 3.30 -9.84 19.38
CA ALA A 3 4.49 -9.83 18.52
C ALA A 3 4.18 -10.48 17.18
N VAL A 4 3.45 -9.77 16.33
CA VAL A 4 3.09 -10.28 15.02
C VAL A 4 2.95 -9.15 14.02
N ASP A 5 3.83 -8.16 14.11
CA ASP A 5 3.82 -7.00 13.22
C ASP A 5 3.80 -7.45 11.76
N ALA A 6 4.38 -8.62 11.50
CA ALA A 6 4.43 -9.15 10.14
C ALA A 6 3.03 -9.34 9.57
N ASN A 7 2.09 -9.72 10.45
CA ASN A 7 0.71 -9.93 10.02
C ASN A 7 0.02 -8.60 9.76
N SER A 8 0.17 -7.67 10.70
CA SER A 8 -0.44 -6.35 10.56
C SER A 8 0.20 -5.59 9.40
N LEU A 9 1.48 -5.86 9.16
CA LEU A 9 2.22 -5.21 8.09
C LEU A 9 1.62 -5.59 6.74
N ALA A 10 1.34 -6.88 6.56
CA ALA A 10 0.79 -7.38 5.32
C ALA A 10 -0.62 -6.85 5.06
N GLN A 11 -1.27 -6.36 6.11
CA GLN A 11 -2.62 -5.83 5.99
C GLN A 11 -2.59 -4.40 5.44
N ALA A 12 -1.64 -3.61 5.92
CA ALA A 12 -1.51 -2.24 5.45
C ALA A 12 -1.45 -2.21 3.94
N LYS A 13 -0.75 -3.20 3.38
CA LYS A 13 -0.62 -3.32 1.93
C LYS A 13 -1.77 -4.12 1.36
N GLU A 14 -2.01 -5.31 1.92
CA GLU A 14 -3.12 -6.14 1.47
C GLU A 14 -4.39 -5.30 1.43
N ALA A 15 -4.50 -4.40 2.40
CA ALA A 15 -5.64 -3.49 2.47
C ALA A 15 -5.43 -2.29 1.55
N ALA A 16 -4.18 -1.84 1.45
CA ALA A 16 -3.86 -0.70 0.61
C ALA A 16 -4.00 -1.04 -0.87
N ILE A 17 -3.84 -2.33 -1.19
CA ILE A 17 -3.97 -2.79 -2.57
C ILE A 17 -5.43 -2.83 -2.98
N LYS A 18 -6.29 -3.15 -2.02
CA LYS A 18 -7.73 -3.20 -2.27
C LYS A 18 -8.22 -1.85 -2.78
N GLU A 19 -7.61 -0.78 -2.25
CA GLU A 19 -7.97 0.57 -2.67
C GLU A 19 -7.42 0.84 -4.06
N LEU A 20 -6.21 0.37 -4.31
CA LEU A 20 -5.59 0.56 -5.62
C LEU A 20 -6.43 -0.10 -6.70
N LYS A 21 -7.08 -1.21 -6.33
CA LYS A 21 -7.94 -1.94 -7.25
C LYS A 21 -9.31 -1.28 -7.33
N GLN A 22 -9.79 -0.80 -6.18
CA GLN A 22 -11.08 -0.14 -6.13
C GLN A 22 -11.01 1.24 -6.79
N TYR A 23 -9.82 1.85 -6.73
CA TYR A 23 -9.59 3.16 -7.33
C TYR A 23 -9.35 3.03 -8.83
N GLY A 24 -8.59 2.01 -9.21
CA GLY A 24 -8.28 1.79 -10.60
C GLY A 24 -6.84 2.10 -10.95
N ILE A 25 -6.08 2.63 -9.98
CA ILE A 25 -4.67 2.97 -10.22
C ILE A 25 -3.94 1.80 -10.87
N GLY A 26 -2.69 2.03 -11.27
CA GLY A 26 -1.91 0.99 -11.91
C GLY A 26 -1.33 0.01 -10.90
N ASP A 27 -1.05 -1.20 -11.36
CA ASP A 27 -0.50 -2.24 -10.51
C ASP A 27 0.90 -1.85 -10.01
N TYR A 28 1.56 -0.98 -10.75
CA TYR A 28 2.90 -0.52 -10.35
C TYR A 28 2.92 -0.18 -8.88
N TYR A 29 1.93 0.60 -8.47
CA TYR A 29 1.82 1.06 -7.09
C TYR A 29 1.34 -0.04 -6.15
N ILE A 30 0.67 -1.06 -6.66
CA ILE A 30 0.25 -2.16 -5.81
C ILE A 30 1.48 -2.99 -5.46
N LYS A 31 2.39 -3.06 -6.42
CA LYS A 31 3.64 -3.80 -6.27
C LYS A 31 4.67 -2.98 -5.51
N LEU A 32 4.85 -1.73 -5.93
CA LEU A 32 5.81 -0.84 -5.29
C LEU A 32 5.56 -0.81 -3.77
N ILE A 33 4.35 -1.22 -3.36
CA ILE A 33 3.96 -1.27 -1.96
C ILE A 33 4.59 -2.48 -1.29
N ASN A 34 4.37 -3.66 -1.87
CA ASN A 34 4.90 -4.90 -1.33
C ASN A 34 6.42 -4.81 -1.09
N ASN A 35 7.08 -3.90 -1.80
CA ASN A 35 8.53 -3.73 -1.67
C ASN A 35 8.89 -2.87 -0.45
N ALA A 36 7.96 -2.07 0.02
CA ALA A 36 8.21 -1.19 1.17
C ALA A 36 8.75 -1.97 2.37
N LYS A 37 9.80 -1.44 2.99
CA LYS A 37 10.41 -2.07 4.15
C LYS A 37 9.97 -1.37 5.44
N THR A 38 8.68 -1.04 5.51
CA THR A 38 8.10 -0.36 6.66
C THR A 38 6.63 -0.11 6.42
N VAL A 39 5.78 -0.87 7.10
CA VAL A 39 4.34 -0.75 6.94
C VAL A 39 3.86 0.70 6.95
N GLU A 40 4.34 1.49 7.90
CA GLU A 40 3.94 2.89 8.00
C GLU A 40 4.05 3.58 6.64
N GLY A 41 5.04 3.18 5.86
CA GLY A 41 5.22 3.74 4.54
C GLY A 41 4.41 3.01 3.51
N VAL A 42 4.22 1.71 3.73
CA VAL A 42 3.46 0.88 2.81
C VAL A 42 2.05 1.43 2.59
N GLU A 43 1.36 1.74 3.68
CA GLU A 43 0.00 2.28 3.59
C GLU A 43 0.00 3.68 3.02
N SER A 44 0.75 4.58 3.64
CA SER A 44 0.84 5.95 3.18
C SER A 44 1.40 6.01 1.77
N LEU A 45 2.13 4.98 1.38
CA LEU A 45 2.72 4.90 0.05
C LEU A 45 1.65 5.05 -1.02
N LYS A 46 0.68 4.15 -1.01
CA LYS A 46 -0.41 4.20 -1.98
C LYS A 46 -1.30 5.40 -1.70
N ASN A 47 -1.60 5.64 -0.43
CA ASN A 47 -2.44 6.77 -0.06
C ASN A 47 -1.79 8.07 -0.49
N GLU A 48 -0.47 8.08 -0.57
CA GLU A 48 0.27 9.26 -0.99
C GLU A 48 0.21 9.38 -2.51
N ILE A 49 0.24 8.23 -3.18
CA ILE A 49 0.17 8.20 -4.64
C ILE A 49 -1.20 8.70 -5.08
N LEU A 50 -2.19 8.47 -4.23
CA LEU A 50 -3.56 8.88 -4.48
C LEU A 50 -3.74 10.35 -4.16
N LYS A 51 -3.01 10.82 -3.16
CA LYS A 51 -3.09 12.23 -2.77
C LYS A 51 -2.67 13.11 -3.94
N ALA A 52 -1.92 12.53 -4.88
CA ALA A 52 -1.45 13.25 -6.05
C ALA A 52 -1.43 12.34 -7.27
N LEU A 53 -2.61 11.88 -7.68
CA LEU A 53 -2.72 11.01 -8.84
C LEU A 53 -2.91 11.82 -10.12
N PRO A 54 -3.90 12.74 -10.16
CA PRO A 54 -4.16 13.57 -11.32
C PRO A 54 -2.99 14.50 -11.65
N THR A 55 -2.98 15.03 -12.88
CA THR A 55 -1.92 15.93 -13.31
C THR A 55 -2.33 16.68 -14.56
N GLU A 56 -3.62 16.93 -14.71
CA GLU A 56 -4.15 17.64 -15.88
C GLU A 56 -5.61 18.02 -15.67
N MET A 1 11.05 -8.04 25.33
CA MET A 1 10.07 -7.34 24.45
C MET A 1 9.65 -8.23 23.29
N GLU A 2 8.35 -8.34 23.07
CA GLU A 2 7.82 -9.16 21.99
C GLU A 2 7.40 -8.29 20.81
N ALA A 3 7.06 -8.94 19.70
CA ALA A 3 6.63 -8.22 18.49
C ALA A 3 6.14 -9.20 17.43
N VAL A 4 5.09 -8.79 16.72
CA VAL A 4 4.51 -9.63 15.68
C VAL A 4 3.70 -8.78 14.70
N ASP A 5 4.19 -7.58 14.41
CA ASP A 5 3.51 -6.67 13.50
C ASP A 5 3.56 -7.17 12.06
N ALA A 6 4.40 -8.19 11.82
CA ALA A 6 4.53 -8.76 10.48
C ALA A 6 3.17 -9.05 9.85
N ASN A 7 2.21 -9.44 10.69
CA ASN A 7 0.86 -9.74 10.21
C ASN A 7 0.13 -8.47 9.79
N SER A 8 0.19 -7.46 10.65
CA SER A 8 -0.46 -6.19 10.38
C SER A 8 0.24 -5.46 9.23
N LEU A 9 1.55 -5.66 9.14
CA LEU A 9 2.34 -5.03 8.09
C LEU A 9 1.85 -5.46 6.71
N ALA A 10 1.61 -6.75 6.55
CA ALA A 10 1.14 -7.30 5.29
C ALA A 10 -0.29 -6.84 4.96
N GLN A 11 -1.02 -6.42 5.98
CA GLN A 11 -2.39 -5.96 5.80
C GLN A 11 -2.43 -4.52 5.31
N ALA A 12 -1.58 -3.68 5.89
CA ALA A 12 -1.53 -2.28 5.48
C ALA A 12 -1.39 -2.18 3.97
N LYS A 13 -0.60 -3.10 3.41
CA LYS A 13 -0.39 -3.15 1.97
C LYS A 13 -1.47 -3.99 1.31
N GLU A 14 -1.64 -5.22 1.79
CA GLU A 14 -2.67 -6.11 1.26
C GLU A 14 -3.99 -5.36 1.18
N ALA A 15 -4.20 -4.50 2.17
CA ALA A 15 -5.40 -3.68 2.24
C ALA A 15 -5.23 -2.40 1.41
N ALA A 16 -4.00 -1.89 1.35
CA ALA A 16 -3.71 -0.68 0.59
C ALA A 16 -3.79 -0.94 -0.91
N ILE A 17 -3.54 -2.19 -1.31
CA ILE A 17 -3.58 -2.55 -2.71
C ILE A 17 -5.02 -2.71 -3.18
N LYS A 18 -5.87 -3.20 -2.29
CA LYS A 18 -7.28 -3.38 -2.60
C LYS A 18 -7.89 -2.05 -3.04
N GLU A 19 -7.43 -0.97 -2.40
CA GLU A 19 -7.90 0.36 -2.74
C GLU A 19 -7.43 0.75 -4.13
N LEU A 20 -6.19 0.38 -4.45
CA LEU A 20 -5.63 0.67 -5.75
C LEU A 20 -6.47 0.00 -6.84
N LYS A 21 -7.03 -1.15 -6.51
CA LYS A 21 -7.87 -1.88 -7.45
C LYS A 21 -9.28 -1.31 -7.45
N GLN A 22 -9.75 -0.92 -6.27
CA GLN A 22 -11.08 -0.34 -6.15
C GLN A 22 -11.10 1.08 -6.72
N TYR A 23 -9.96 1.74 -6.69
CA TYR A 23 -9.83 3.10 -7.22
C TYR A 23 -9.57 3.07 -8.71
N GLY A 24 -8.74 2.12 -9.15
CA GLY A 24 -8.42 2.01 -10.54
C GLY A 24 -6.98 2.38 -10.85
N ILE A 25 -6.20 2.77 -9.83
CA ILE A 25 -4.80 3.15 -10.05
C ILE A 25 -4.05 2.01 -10.74
N GLY A 26 -2.80 2.26 -11.13
CA GLY A 26 -2.01 1.25 -11.80
C GLY A 26 -1.40 0.25 -10.83
N ASP A 27 -1.29 -1.00 -11.27
CA ASP A 27 -0.72 -2.06 -10.45
C ASP A 27 0.69 -1.71 -9.99
N TYR A 28 1.35 -0.84 -10.74
CA TYR A 28 2.71 -0.42 -10.38
C TYR A 28 2.79 -0.08 -8.91
N TYR A 29 1.83 0.71 -8.48
CA TYR A 29 1.75 1.17 -7.10
C TYR A 29 1.30 0.08 -6.13
N ILE A 30 0.60 -0.93 -6.62
CA ILE A 30 0.18 -2.02 -5.75
C ILE A 30 1.41 -2.87 -5.44
N LYS A 31 2.30 -2.94 -6.43
CA LYS A 31 3.54 -3.71 -6.33
C LYS A 31 4.60 -2.90 -5.59
N LEU A 32 4.79 -1.66 -6.02
CA LEU A 32 5.78 -0.78 -5.39
C LEU A 32 5.59 -0.76 -3.86
N ILE A 33 4.39 -1.16 -3.43
CA ILE A 33 4.05 -1.22 -2.01
C ILE A 33 4.67 -2.45 -1.37
N ASN A 34 4.35 -3.62 -1.92
CA ASN A 34 4.88 -4.88 -1.40
C ASN A 34 6.40 -4.85 -1.27
N ASN A 35 7.05 -3.97 -2.04
CA ASN A 35 8.50 -3.86 -2.01
C ASN A 35 8.98 -3.29 -0.67
N ALA A 36 8.10 -2.58 0.03
CA ALA A 36 8.45 -2.00 1.32
C ALA A 36 8.78 -3.05 2.36
N LYS A 37 9.50 -2.64 3.39
CA LYS A 37 9.89 -3.55 4.46
C LYS A 37 9.06 -3.28 5.71
N THR A 38 8.81 -2.00 5.98
CA THR A 38 8.02 -1.60 7.14
C THR A 38 6.54 -1.57 6.76
N VAL A 39 5.77 -0.66 7.36
CA VAL A 39 4.36 -0.56 7.05
C VAL A 39 3.86 0.88 7.02
N GLU A 40 4.29 1.69 8.00
CA GLU A 40 3.88 3.08 8.08
C GLU A 40 3.95 3.77 6.72
N GLY A 41 5.03 3.53 5.99
CA GLY A 41 5.20 4.12 4.68
C GLY A 41 4.43 3.38 3.61
N VAL A 42 4.23 2.08 3.85
CA VAL A 42 3.50 1.23 2.91
C VAL A 42 2.07 1.69 2.71
N GLU A 43 1.36 1.91 3.82
CA GLU A 43 -0.03 2.35 3.75
C GLU A 43 -0.13 3.75 3.16
N SER A 44 0.67 4.66 3.70
CA SER A 44 0.69 6.04 3.22
C SER A 44 1.26 6.10 1.80
N LEU A 45 2.05 5.09 1.45
CA LEU A 45 2.65 5.00 0.12
C LEU A 45 1.58 5.13 -0.96
N LYS A 46 0.60 4.22 -0.92
CA LYS A 46 -0.48 4.24 -1.89
C LYS A 46 -1.40 5.44 -1.62
N ASN A 47 -1.73 5.67 -0.37
CA ASN A 47 -2.59 6.78 -0.01
C ASN A 47 -1.98 8.10 -0.47
N GLU A 48 -0.66 8.13 -0.54
CA GLU A 48 0.04 9.33 -1.00
C GLU A 48 0.00 9.42 -2.51
N ILE A 49 0.09 8.27 -3.17
CA ILE A 49 0.02 8.21 -4.62
C ILE A 49 -1.34 8.69 -5.09
N LEU A 50 -2.33 8.47 -4.23
CA LEU A 50 -3.70 8.85 -4.50
C LEU A 50 -3.89 10.35 -4.30
N LYS A 51 -3.13 10.91 -3.36
CA LYS A 51 -3.20 12.34 -3.09
C LYS A 51 -2.79 13.11 -4.34
N ALA A 52 -2.02 12.45 -5.21
CA ALA A 52 -1.56 13.06 -6.45
C ALA A 52 -1.48 12.01 -7.55
N LEU A 53 -2.64 11.61 -8.07
CA LEU A 53 -2.70 10.61 -9.14
C LEU A 53 -2.70 11.26 -10.52
N PRO A 54 -1.59 11.11 -11.28
CA PRO A 54 -1.48 11.70 -12.63
C PRO A 54 -2.50 11.11 -13.59
N THR A 55 -2.37 11.47 -14.87
CA THR A 55 -3.28 10.98 -15.90
C THR A 55 -2.65 11.08 -17.28
N GLU A 56 -1.33 10.91 -17.33
CA GLU A 56 -0.60 10.98 -18.59
C GLU A 56 0.39 9.83 -18.72
N MET A 1 10.19 -16.26 19.61
CA MET A 1 8.91 -16.81 20.12
C MET A 1 7.77 -15.83 19.91
N GLU A 2 7.78 -14.73 20.65
CA GLU A 2 6.74 -13.71 20.54
C GLU A 2 7.11 -12.68 19.49
N ALA A 3 6.61 -12.86 18.27
CA ALA A 3 6.89 -11.93 17.18
C ALA A 3 6.10 -12.31 15.93
N VAL A 4 5.09 -11.50 15.60
CA VAL A 4 4.27 -11.75 14.43
C VAL A 4 3.69 -10.46 13.89
N ASP A 5 4.40 -9.36 14.09
CA ASP A 5 3.95 -8.04 13.62
C ASP A 5 3.75 -8.04 12.11
N ALA A 6 4.39 -8.98 11.42
CA ALA A 6 4.28 -9.09 9.97
C ALA A 6 2.81 -9.16 9.53
N ASN A 7 1.97 -9.73 10.39
CA ASN A 7 0.55 -9.86 10.09
C ASN A 7 -0.08 -8.49 9.87
N SER A 8 0.20 -7.57 10.78
CA SER A 8 -0.33 -6.21 10.69
C SER A 8 0.31 -5.46 9.53
N LEU A 9 1.57 -5.79 9.26
CA LEU A 9 2.32 -5.15 8.18
C LEU A 9 1.71 -5.50 6.82
N ALA A 10 1.41 -6.78 6.65
CA ALA A 10 0.84 -7.27 5.39
C ALA A 10 -0.56 -6.70 5.14
N GLN A 11 -1.21 -6.23 6.19
CA GLN A 11 -2.53 -5.66 6.06
C GLN A 11 -2.48 -4.22 5.56
N ALA A 12 -1.53 -3.45 6.07
CA ALA A 12 -1.38 -2.07 5.64
C ALA A 12 -1.34 -2.00 4.12
N LYS A 13 -0.68 -2.99 3.53
CA LYS A 13 -0.57 -3.08 2.08
C LYS A 13 -1.76 -3.83 1.50
N GLU A 14 -1.99 -5.05 2.00
CA GLU A 14 -3.12 -5.86 1.56
C GLU A 14 -4.37 -4.99 1.54
N ALA A 15 -4.45 -4.10 2.52
CA ALA A 15 -5.57 -3.19 2.63
C ALA A 15 -5.35 -1.95 1.75
N ALA A 16 -4.16 -1.37 1.83
CA ALA A 16 -3.82 -0.19 1.03
C ALA A 16 -3.99 -0.46 -0.45
N ILE A 17 -3.81 -1.72 -0.85
CA ILE A 17 -3.95 -2.10 -2.25
C ILE A 17 -5.41 -2.30 -2.61
N LYS A 18 -6.22 -2.69 -1.61
CA LYS A 18 -7.65 -2.89 -1.83
C LYS A 18 -8.26 -1.63 -2.44
N GLU A 19 -7.68 -0.49 -2.10
CA GLU A 19 -8.14 0.79 -2.62
C GLU A 19 -7.49 1.06 -3.98
N LEU A 20 -6.25 0.58 -4.11
CA LEU A 20 -5.50 0.74 -5.34
C LEU A 20 -6.13 -0.09 -6.45
N LYS A 21 -6.74 -1.21 -6.07
CA LYS A 21 -7.38 -2.08 -7.03
C LYS A 21 -8.82 -1.65 -7.29
N GLN A 22 -9.47 -1.11 -6.26
CA GLN A 22 -10.84 -0.64 -6.40
C GLN A 22 -10.88 0.67 -7.16
N TYR A 23 -9.79 1.44 -7.05
CA TYR A 23 -9.68 2.72 -7.73
C TYR A 23 -9.35 2.53 -9.20
N GLY A 24 -8.46 1.58 -9.47
CA GLY A 24 -8.05 1.31 -10.83
C GLY A 24 -6.64 1.77 -11.13
N ILE A 25 -5.97 2.36 -10.13
CA ILE A 25 -4.61 2.85 -10.30
C ILE A 25 -3.73 1.79 -10.99
N GLY A 26 -2.53 2.17 -11.40
CA GLY A 26 -1.64 1.24 -12.07
C GLY A 26 -1.10 0.16 -11.16
N ASP A 27 -0.88 -1.03 -11.71
CA ASP A 27 -0.35 -2.15 -10.94
C ASP A 27 1.00 -1.81 -10.34
N TYR A 28 1.68 -0.84 -10.95
CA TYR A 28 2.99 -0.40 -10.48
C TYR A 28 2.99 -0.17 -8.97
N TYR A 29 1.95 0.51 -8.52
CA TYR A 29 1.79 0.89 -7.13
C TYR A 29 1.47 -0.30 -6.22
N ILE A 30 0.45 -1.06 -6.55
CA ILE A 30 0.12 -2.24 -5.74
C ILE A 30 1.41 -3.05 -5.51
N LYS A 31 2.31 -2.96 -6.48
CA LYS A 31 3.60 -3.65 -6.43
C LYS A 31 4.62 -2.82 -5.66
N LEU A 32 4.75 -1.55 -6.03
CA LEU A 32 5.69 -0.65 -5.37
C LEU A 32 5.46 -0.65 -3.85
N ILE A 33 4.28 -1.13 -3.44
CA ILE A 33 3.91 -1.21 -2.03
C ILE A 33 4.57 -2.42 -1.38
N ASN A 34 4.29 -3.59 -1.93
CA ASN A 34 4.84 -4.84 -1.41
C ASN A 34 6.36 -4.77 -1.28
N ASN A 35 6.99 -3.88 -2.04
CA ASN A 35 8.44 -3.73 -2.01
C ASN A 35 8.93 -3.05 -0.72
N ALA A 36 8.05 -2.27 -0.09
CA ALA A 36 8.41 -1.58 1.15
C ALA A 36 8.98 -2.53 2.19
N LYS A 37 9.92 -2.02 2.98
CA LYS A 37 10.56 -2.82 4.03
C LYS A 37 9.99 -2.47 5.41
N THR A 38 8.83 -1.81 5.41
CA THR A 38 8.17 -1.43 6.65
C THR A 38 6.65 -1.49 6.45
N VAL A 39 5.90 -0.64 7.14
CA VAL A 39 4.45 -0.65 6.99
C VAL A 39 3.87 0.77 6.98
N GLU A 40 4.30 1.60 7.91
CA GLU A 40 3.81 2.97 8.00
C GLU A 40 3.86 3.66 6.64
N GLY A 41 4.93 3.39 5.91
CA GLY A 41 5.08 3.98 4.59
C GLY A 41 4.31 3.22 3.54
N VAL A 42 4.10 1.93 3.77
CA VAL A 42 3.37 1.09 2.83
C VAL A 42 1.95 1.60 2.61
N GLU A 43 1.21 1.80 3.69
CA GLU A 43 -0.16 2.28 3.60
C GLU A 43 -0.21 3.71 3.07
N SER A 44 0.62 4.57 3.64
CA SER A 44 0.68 5.96 3.22
C SER A 44 1.23 6.06 1.80
N LEU A 45 1.97 5.04 1.38
CA LEU A 45 2.56 5.00 0.06
C LEU A 45 1.49 5.14 -1.03
N LYS A 46 0.54 4.20 -1.04
CA LYS A 46 -0.53 4.23 -2.03
C LYS A 46 -1.46 5.41 -1.78
N ASN A 47 -1.85 5.62 -0.52
CA ASN A 47 -2.75 6.72 -0.19
C ASN A 47 -2.10 8.05 -0.58
N GLU A 48 -0.78 8.08 -0.58
CA GLU A 48 -0.05 9.28 -0.96
C GLU A 48 -0.05 9.43 -2.48
N ILE A 49 0.06 8.30 -3.16
CA ILE A 49 0.05 8.29 -4.62
C ILE A 49 -1.31 8.76 -5.12
N LEU A 50 -2.33 8.51 -4.31
CA LEU A 50 -3.69 8.89 -4.63
C LEU A 50 -3.92 10.36 -4.31
N LYS A 51 -3.24 10.86 -3.28
CA LYS A 51 -3.35 12.26 -2.90
C LYS A 51 -2.87 13.15 -4.05
N ALA A 52 -2.06 12.56 -4.93
CA ALA A 52 -1.52 13.28 -6.08
C ALA A 52 -1.35 12.34 -7.27
N LEU A 53 -2.45 11.74 -7.70
CA LEU A 53 -2.43 10.82 -8.83
C LEU A 53 -1.86 11.49 -10.09
N PRO A 54 -2.53 12.56 -10.58
CA PRO A 54 -2.08 13.28 -11.77
C PRO A 54 -0.70 13.90 -11.59
N THR A 55 0.14 13.77 -12.61
CA THR A 55 1.49 14.32 -12.57
C THR A 55 1.45 15.83 -12.35
N GLU A 56 2.19 16.30 -11.35
CA GLU A 56 2.24 17.72 -11.03
C GLU A 56 3.63 18.29 -11.34
N MET A 1 -2.47 -5.36 17.81
CA MET A 1 -1.88 -4.66 18.97
C MET A 1 -0.43 -5.06 19.20
N GLU A 2 -0.18 -6.37 19.28
CA GLU A 2 1.16 -6.88 19.48
C GLU A 2 1.18 -8.41 19.42
N ALA A 3 2.08 -8.95 18.61
CA ALA A 3 2.20 -10.40 18.46
C ALA A 3 3.36 -10.75 17.53
N VAL A 4 3.18 -10.47 16.25
CA VAL A 4 4.21 -10.76 15.25
C VAL A 4 4.64 -9.49 14.51
N ASP A 5 3.68 -8.59 14.30
CA ASP A 5 3.92 -7.33 13.61
C ASP A 5 3.89 -7.51 12.08
N ALA A 6 4.53 -8.57 11.60
CA ALA A 6 4.56 -8.84 10.16
C ALA A 6 3.16 -9.00 9.61
N ASN A 7 2.26 -9.56 10.42
CA ASN A 7 0.88 -9.76 10.00
C ASN A 7 0.19 -8.43 9.75
N SER A 8 0.35 -7.50 10.69
CA SER A 8 -0.26 -6.19 10.57
C SER A 8 0.36 -5.42 9.40
N LEU A 9 1.63 -5.68 9.14
CA LEU A 9 2.34 -5.02 8.06
C LEU A 9 1.76 -5.44 6.71
N ALA A 10 1.54 -6.74 6.56
CA ALA A 10 1.00 -7.29 5.31
C ALA A 10 -0.40 -6.78 5.00
N GLN A 11 -1.09 -6.28 6.03
CA GLN A 11 -2.44 -5.77 5.86
C GLN A 11 -2.42 -4.35 5.32
N ALA A 12 -1.55 -3.52 5.86
CA ALA A 12 -1.44 -2.14 5.41
C ALA A 12 -1.31 -2.10 3.90
N LYS A 13 -0.59 -3.08 3.37
CA LYS A 13 -0.36 -3.21 1.94
C LYS A 13 -1.49 -4.01 1.32
N GLU A 14 -1.72 -5.21 1.83
CA GLU A 14 -2.79 -6.07 1.33
C GLU A 14 -4.08 -5.27 1.24
N ALA A 15 -4.25 -4.39 2.22
CA ALA A 15 -5.42 -3.53 2.27
C ALA A 15 -5.23 -2.29 1.40
N ALA A 16 -4.00 -1.79 1.34
CA ALA A 16 -3.69 -0.61 0.54
C ALA A 16 -3.79 -0.92 -0.95
N ILE A 17 -3.59 -2.19 -1.31
CA ILE A 17 -3.67 -2.59 -2.72
C ILE A 17 -5.13 -2.75 -3.13
N LYS A 18 -5.97 -3.15 -2.19
CA LYS A 18 -7.39 -3.31 -2.47
C LYS A 18 -7.99 -1.99 -2.92
N GLU A 19 -7.45 -0.89 -2.40
CA GLU A 19 -7.92 0.43 -2.77
C GLU A 19 -7.41 0.79 -4.16
N LEU A 20 -6.20 0.35 -4.47
CA LEU A 20 -5.61 0.61 -5.77
C LEU A 20 -6.47 0.00 -6.87
N LYS A 21 -7.06 -1.16 -6.57
CA LYS A 21 -7.91 -1.84 -7.52
C LYS A 21 -9.31 -1.24 -7.49
N GLN A 22 -9.76 -0.87 -6.29
CA GLN A 22 -11.07 -0.27 -6.13
C GLN A 22 -11.07 1.15 -6.71
N TYR A 23 -9.89 1.77 -6.73
CA TYR A 23 -9.75 3.12 -7.26
C TYR A 23 -9.50 3.08 -8.76
N GLY A 24 -8.71 2.11 -9.20
CA GLY A 24 -8.40 1.98 -10.61
C GLY A 24 -6.94 2.26 -10.93
N ILE A 25 -6.18 2.73 -9.94
CA ILE A 25 -4.76 3.04 -10.16
C ILE A 25 -4.04 1.84 -10.80
N GLY A 26 -2.79 2.04 -11.20
CA GLY A 26 -2.04 0.96 -11.83
C GLY A 26 -1.46 -0.01 -10.81
N ASP A 27 -1.08 -1.19 -11.29
CA ASP A 27 -0.51 -2.21 -10.42
C ASP A 27 0.88 -1.82 -9.94
N TYR A 28 1.54 -0.95 -10.71
CA TYR A 28 2.88 -0.48 -10.33
C TYR A 28 2.92 -0.11 -8.86
N TYR A 29 1.93 0.66 -8.46
CA TYR A 29 1.83 1.15 -7.09
C TYR A 29 1.32 0.07 -6.12
N ILE A 30 0.63 -0.94 -6.62
CA ILE A 30 0.18 -2.01 -5.74
C ILE A 30 1.40 -2.87 -5.40
N LYS A 31 2.30 -2.98 -6.37
CA LYS A 31 3.53 -3.75 -6.23
C LYS A 31 4.58 -2.95 -5.48
N LEU A 32 4.82 -1.70 -5.91
CA LEU A 32 5.79 -0.84 -5.26
C LEU A 32 5.57 -0.81 -3.74
N ILE A 33 4.35 -1.18 -3.33
CA ILE A 33 3.97 -1.23 -1.92
C ILE A 33 4.58 -2.47 -1.26
N ASN A 34 4.26 -3.63 -1.82
CA ASN A 34 4.75 -4.90 -1.30
C ASN A 34 6.28 -4.89 -1.16
N ASN A 35 6.93 -4.03 -1.92
CA ASN A 35 8.39 -3.93 -1.88
C ASN A 35 8.89 -3.32 -0.58
N ALA A 36 8.03 -2.57 0.09
CA ALA A 36 8.39 -1.92 1.35
C ALA A 36 8.74 -2.95 2.42
N LYS A 37 9.58 -2.53 3.37
CA LYS A 37 10.00 -3.40 4.45
C LYS A 37 9.20 -3.12 5.72
N THR A 38 8.86 -1.85 5.92
CA THR A 38 8.09 -1.45 7.09
C THR A 38 6.60 -1.44 6.73
N VAL A 39 5.81 -0.58 7.39
CA VAL A 39 4.39 -0.51 7.10
C VAL A 39 3.87 0.92 7.08
N GLU A 40 4.32 1.74 8.03
CA GLU A 40 3.88 3.13 8.11
C GLU A 40 3.97 3.81 6.75
N GLY A 41 5.00 3.48 5.99
CA GLY A 41 5.17 4.05 4.67
C GLY A 41 4.38 3.30 3.62
N VAL A 42 4.17 2.01 3.86
CA VAL A 42 3.42 1.16 2.94
C VAL A 42 2.01 1.68 2.71
N GLU A 43 1.32 2.02 3.79
CA GLU A 43 -0.05 2.53 3.70
C GLU A 43 -0.06 3.92 3.08
N SER A 44 0.71 4.83 3.66
CA SER A 44 0.79 6.19 3.16
C SER A 44 1.35 6.19 1.74
N LEU A 45 2.09 5.14 1.40
CA LEU A 45 2.69 5.00 0.07
C LEU A 45 1.61 5.13 -1.00
N LYS A 46 0.63 4.24 -0.96
CA LYS A 46 -0.46 4.26 -1.93
C LYS A 46 -1.36 5.48 -1.67
N ASN A 47 -1.69 5.73 -0.42
CA ASN A 47 -2.54 6.85 -0.08
C ASN A 47 -1.90 8.15 -0.57
N GLU A 48 -0.58 8.18 -0.63
CA GLU A 48 0.15 9.34 -1.10
C GLU A 48 0.06 9.42 -2.61
N ILE A 49 0.15 8.27 -3.26
CA ILE A 49 0.05 8.19 -4.71
C ILE A 49 -1.32 8.67 -5.15
N LEU A 50 -2.29 8.49 -4.26
CA LEU A 50 -3.67 8.88 -4.52
C LEU A 50 -3.87 10.36 -4.24
N LYS A 51 -3.15 10.89 -3.25
CA LYS A 51 -3.26 12.31 -2.93
C LYS A 51 -3.01 13.15 -4.18
N ALA A 52 -2.25 12.58 -5.11
CA ALA A 52 -1.94 13.24 -6.37
C ALA A 52 -2.23 12.33 -7.56
N LEU A 53 -3.44 11.77 -7.58
CA LEU A 53 -3.85 10.86 -8.65
C LEU A 53 -3.61 11.49 -10.02
N PRO A 54 -2.90 10.79 -10.92
CA PRO A 54 -2.60 11.29 -12.27
C PRO A 54 -3.80 11.15 -13.20
N THR A 55 -3.82 11.94 -14.26
CA THR A 55 -4.91 11.89 -15.24
C THR A 55 -4.86 10.60 -16.04
N GLU A 56 -5.97 9.86 -16.03
CA GLU A 56 -6.06 8.60 -16.76
C GLU A 56 -6.71 8.81 -18.12
N MET A 1 -0.78 -8.23 24.84
CA MET A 1 -0.07 -7.08 24.22
C MET A 1 0.75 -7.53 23.00
N GLU A 2 0.68 -6.75 21.93
CA GLU A 2 1.40 -7.08 20.71
C GLU A 2 0.98 -8.43 20.15
N ALA A 3 1.69 -8.91 19.14
CA ALA A 3 1.40 -10.18 18.53
C ALA A 3 2.53 -10.66 17.63
N VAL A 4 2.58 -10.12 16.41
CA VAL A 4 3.63 -10.49 15.47
C VAL A 4 4.20 -9.26 14.75
N ASP A 5 3.34 -8.28 14.50
CA ASP A 5 3.76 -7.05 13.82
C ASP A 5 3.84 -7.24 12.31
N ALA A 6 4.47 -8.33 11.88
CA ALA A 6 4.63 -8.62 10.46
C ALA A 6 3.27 -8.86 9.82
N ASN A 7 2.36 -9.47 10.57
CA ASN A 7 1.02 -9.76 10.08
C ASN A 7 0.27 -8.46 9.77
N SER A 8 0.32 -7.53 10.72
CA SER A 8 -0.35 -6.25 10.55
C SER A 8 0.28 -5.48 9.39
N LEU A 9 1.57 -5.69 9.18
CA LEU A 9 2.30 -5.02 8.11
C LEU A 9 1.73 -5.43 6.75
N ALA A 10 1.51 -6.74 6.60
CA ALA A 10 0.99 -7.29 5.35
C ALA A 10 -0.42 -6.79 5.05
N GLN A 11 -1.10 -6.29 6.07
CA GLN A 11 -2.46 -5.78 5.91
C GLN A 11 -2.44 -4.37 5.34
N ALA A 12 -1.53 -3.55 5.83
CA ALA A 12 -1.43 -2.18 5.33
C ALA A 12 -1.33 -2.19 3.82
N LYS A 13 -0.64 -3.18 3.30
CA LYS A 13 -0.46 -3.35 1.86
C LYS A 13 -1.62 -4.17 1.28
N GLU A 14 -1.86 -5.34 1.87
CA GLU A 14 -2.96 -6.19 1.42
C GLU A 14 -4.24 -5.37 1.38
N ALA A 15 -4.34 -4.43 2.30
CA ALA A 15 -5.49 -3.55 2.38
C ALA A 15 -5.30 -2.34 1.47
N ALA A 16 -4.05 -1.92 1.29
CA ALA A 16 -3.74 -0.77 0.45
C ALA A 16 -3.91 -1.13 -1.04
N ILE A 17 -3.75 -2.42 -1.36
CA ILE A 17 -3.89 -2.87 -2.73
C ILE A 17 -5.37 -2.91 -3.12
N LYS A 18 -6.20 -3.30 -2.16
CA LYS A 18 -7.64 -3.36 -2.38
C LYS A 18 -8.16 -2.00 -2.81
N GLU A 19 -7.55 -0.94 -2.28
CA GLU A 19 -7.93 0.42 -2.63
C GLU A 19 -7.39 0.78 -4.00
N LEU A 20 -6.15 0.40 -4.26
CA LEU A 20 -5.54 0.68 -5.55
C LEU A 20 -6.34 0.02 -6.67
N LYS A 21 -6.95 -1.11 -6.35
CA LYS A 21 -7.76 -1.83 -7.31
C LYS A 21 -9.16 -1.22 -7.38
N GLN A 22 -9.67 -0.83 -6.22
CA GLN A 22 -10.99 -0.21 -6.15
C GLN A 22 -10.97 1.18 -6.77
N TYR A 23 -9.82 1.85 -6.65
CA TYR A 23 -9.65 3.17 -7.22
C TYR A 23 -9.45 3.10 -8.73
N GLY A 24 -8.65 2.12 -9.15
CA GLY A 24 -8.38 1.94 -10.56
C GLY A 24 -6.93 2.25 -10.91
N ILE A 25 -6.16 2.73 -9.94
CA ILE A 25 -4.75 3.07 -10.18
C ILE A 25 -4.02 1.91 -10.85
N GLY A 26 -2.77 2.14 -11.25
CA GLY A 26 -2.00 1.10 -11.91
C GLY A 26 -1.42 0.09 -10.94
N ASP A 27 -1.11 -1.10 -11.44
CA ASP A 27 -0.53 -2.16 -10.61
C ASP A 27 0.86 -1.76 -10.12
N TYR A 28 1.51 -0.86 -10.83
CA TYR A 28 2.84 -0.40 -10.45
C TYR A 28 2.87 -0.06 -8.96
N TYR A 29 1.86 0.68 -8.54
CA TYR A 29 1.75 1.13 -7.16
C TYR A 29 1.29 0.01 -6.21
N ILE A 30 0.63 -1.00 -6.73
CA ILE A 30 0.22 -2.10 -5.86
C ILE A 30 1.46 -2.91 -5.52
N LYS A 31 2.38 -2.98 -6.48
CA LYS A 31 3.63 -3.70 -6.34
C LYS A 31 4.66 -2.86 -5.58
N LEU A 32 4.82 -1.60 -6.00
CA LEU A 32 5.78 -0.70 -5.36
C LEU A 32 5.54 -0.68 -3.83
N ILE A 33 4.34 -1.11 -3.42
CA ILE A 33 3.97 -1.18 -2.02
C ILE A 33 4.62 -2.39 -1.36
N ASN A 34 4.34 -3.56 -1.91
CA ASN A 34 4.90 -4.81 -1.38
C ASN A 34 6.42 -4.73 -1.24
N ASN A 35 7.05 -3.84 -2.00
CA ASN A 35 8.49 -3.69 -1.96
C ASN A 35 8.95 -3.08 -0.63
N ALA A 36 8.05 -2.41 0.07
CA ALA A 36 8.38 -1.78 1.34
C ALA A 36 8.76 -2.82 2.39
N LYS A 37 9.60 -2.42 3.34
CA LYS A 37 10.04 -3.31 4.41
C LYS A 37 9.22 -3.08 5.68
N THR A 38 8.86 -1.83 5.92
CA THR A 38 8.06 -1.47 7.08
C THR A 38 6.58 -1.47 6.72
N VAL A 39 5.78 -0.62 7.38
CA VAL A 39 4.36 -0.57 7.07
C VAL A 39 3.84 0.87 7.02
N GLU A 40 4.26 1.70 7.97
CA GLU A 40 3.82 3.08 8.01
C GLU A 40 3.98 3.75 6.65
N GLY A 41 4.96 3.31 5.89
CA GLY A 41 5.18 3.86 4.56
C GLY A 41 4.39 3.12 3.51
N VAL A 42 4.18 1.83 3.74
CA VAL A 42 3.43 1.00 2.81
C VAL A 42 2.02 1.53 2.58
N GLU A 43 1.32 1.82 3.67
CA GLU A 43 -0.05 2.33 3.59
C GLU A 43 -0.05 3.76 3.05
N SER A 44 0.75 4.61 3.67
CA SER A 44 0.85 6.01 3.26
C SER A 44 1.39 6.10 1.83
N LEU A 45 2.10 5.06 1.40
CA LEU A 45 2.67 5.00 0.06
C LEU A 45 1.59 5.16 -1.00
N LYS A 46 0.63 4.24 -1.00
CA LYS A 46 -0.45 4.28 -1.98
C LYS A 46 -1.38 5.47 -1.70
N ASN A 47 -1.64 5.74 -0.45
CA ASN A 47 -2.50 6.86 -0.08
C ASN A 47 -1.89 8.17 -0.53
N GLU A 48 -0.56 8.19 -0.63
CA GLU A 48 0.15 9.38 -1.08
C GLU A 48 0.08 9.48 -2.59
N ILE A 49 0.11 8.32 -3.24
CA ILE A 49 0.03 8.27 -4.70
C ILE A 49 -1.36 8.72 -5.15
N LEU A 50 -2.33 8.50 -4.28
CA LEU A 50 -3.70 8.87 -4.54
C LEU A 50 -3.92 10.35 -4.26
N LYS A 51 -3.21 10.86 -3.26
CA LYS A 51 -3.30 12.28 -2.91
C LYS A 51 -2.87 13.13 -4.10
N ALA A 52 -2.11 12.53 -5.00
CA ALA A 52 -1.63 13.22 -6.19
C ALA A 52 -1.54 12.27 -7.39
N LEU A 53 -2.69 11.90 -7.93
CA LEU A 53 -2.74 10.99 -9.07
C LEU A 53 -2.22 11.68 -10.34
N PRO A 54 -1.16 11.12 -10.96
CA PRO A 54 -0.58 11.70 -12.18
C PRO A 54 -1.62 11.88 -13.29
N THR A 55 -2.28 13.03 -13.29
CA THR A 55 -3.29 13.33 -14.29
C THR A 55 -4.43 12.32 -14.23
N GLU A 56 -5.45 12.63 -13.44
CA GLU A 56 -6.60 11.75 -13.29
C GLU A 56 -7.65 12.03 -14.37
N MET A 1 0.73 -15.50 20.46
CA MET A 1 0.70 -14.17 19.79
C MET A 1 1.67 -13.19 20.44
N GLU A 2 2.89 -13.65 20.68
CA GLU A 2 3.91 -12.82 21.30
C GLU A 2 4.23 -11.61 20.43
N ALA A 3 4.55 -11.86 19.17
CA ALA A 3 4.87 -10.79 18.23
C ALA A 3 4.70 -11.25 16.79
N VAL A 4 3.93 -10.50 16.03
CA VAL A 4 3.70 -10.83 14.62
C VAL A 4 3.40 -9.57 13.81
N ASP A 5 4.29 -8.59 13.90
CA ASP A 5 4.13 -7.33 13.18
C ASP A 5 3.97 -7.57 11.69
N ALA A 6 4.57 -8.65 11.20
CA ALA A 6 4.49 -8.99 9.77
C ALA A 6 3.03 -9.13 9.33
N ASN A 7 2.19 -9.63 10.23
CA ASN A 7 0.77 -9.81 9.93
C ASN A 7 0.08 -8.46 9.75
N SER A 8 0.35 -7.56 10.69
CA SER A 8 -0.22 -6.22 10.63
C SER A 8 0.37 -5.43 9.48
N LEU A 9 1.63 -5.71 9.18
CA LEU A 9 2.33 -5.03 8.09
C LEU A 9 1.76 -5.44 6.74
N ALA A 10 1.54 -6.73 6.57
CA ALA A 10 1.00 -7.28 5.32
C ALA A 10 -0.42 -6.80 5.06
N GLN A 11 -1.09 -6.30 6.09
CA GLN A 11 -2.45 -5.82 5.96
C GLN A 11 -2.47 -4.40 5.41
N ALA A 12 -1.57 -3.56 5.91
CA ALA A 12 -1.50 -2.19 5.45
C ALA A 12 -1.40 -2.15 3.93
N LYS A 13 -0.67 -3.14 3.39
CA LYS A 13 -0.49 -3.27 1.95
C LYS A 13 -1.63 -4.08 1.36
N GLU A 14 -1.85 -5.28 1.91
CA GLU A 14 -2.94 -6.12 1.44
C GLU A 14 -4.23 -5.32 1.38
N ALA A 15 -4.37 -4.45 2.37
CA ALA A 15 -5.53 -3.57 2.46
C ALA A 15 -5.37 -2.38 1.51
N ALA A 16 -4.19 -1.78 1.52
CA ALA A 16 -3.91 -0.63 0.66
C ALA A 16 -4.02 -1.02 -0.81
N ILE A 17 -3.81 -2.30 -1.09
CA ILE A 17 -3.88 -2.82 -2.44
C ILE A 17 -5.34 -2.85 -2.91
N LYS A 18 -6.23 -3.17 -1.97
CA LYS A 18 -7.65 -3.23 -2.27
C LYS A 18 -8.15 -1.87 -2.76
N GLU A 19 -7.55 -0.81 -2.25
CA GLU A 19 -7.92 0.55 -2.64
C GLU A 19 -7.38 0.84 -4.03
N LEU A 20 -6.15 0.44 -4.29
CA LEU A 20 -5.54 0.66 -5.58
C LEU A 20 -6.32 -0.08 -6.67
N LYS A 21 -6.93 -1.19 -6.28
CA LYS A 21 -7.72 -2.00 -7.20
C LYS A 21 -9.12 -1.42 -7.31
N GLN A 22 -9.63 -0.89 -6.20
CA GLN A 22 -10.96 -0.30 -6.19
C GLN A 22 -10.94 1.08 -6.83
N TYR A 23 -9.79 1.76 -6.72
CA TYR A 23 -9.62 3.08 -7.30
C TYR A 23 -9.40 2.99 -8.80
N GLY A 24 -8.57 2.02 -9.21
CA GLY A 24 -8.28 1.85 -10.62
C GLY A 24 -6.83 2.15 -10.95
N ILE A 25 -6.08 2.68 -9.98
CA ILE A 25 -4.67 3.02 -10.22
C ILE A 25 -3.93 1.85 -10.87
N GLY A 26 -2.68 2.07 -11.27
CA GLY A 26 -1.90 1.02 -11.90
C GLY A 26 -1.34 0.04 -10.90
N ASP A 27 -1.02 -1.17 -11.38
CA ASP A 27 -0.46 -2.20 -10.52
C ASP A 27 0.93 -1.80 -10.02
N TYR A 28 1.59 -0.91 -10.74
CA TYR A 28 2.92 -0.44 -10.35
C TYR A 28 2.93 -0.10 -8.87
N TYR A 29 1.93 0.66 -8.47
CA TYR A 29 1.80 1.11 -7.09
C TYR A 29 1.30 0.02 -6.15
N ILE A 30 0.64 -1.00 -6.67
CA ILE A 30 0.21 -2.10 -5.82
C ILE A 30 1.43 -2.93 -5.46
N LYS A 31 2.36 -3.00 -6.40
CA LYS A 31 3.61 -3.73 -6.24
C LYS A 31 4.63 -2.91 -5.48
N LEU A 32 4.81 -1.66 -5.90
CA LEU A 32 5.77 -0.77 -5.24
C LEU A 32 5.52 -0.74 -3.72
N ILE A 33 4.30 -1.15 -3.32
CA ILE A 33 3.92 -1.21 -1.92
C ILE A 33 4.54 -2.44 -1.25
N ASN A 34 4.24 -3.60 -1.81
CA ASN A 34 4.76 -4.86 -1.27
C ASN A 34 6.29 -4.82 -1.11
N ASN A 35 6.94 -3.95 -1.86
CA ASN A 35 8.39 -3.82 -1.80
C ASN A 35 8.86 -3.17 -0.50
N ALA A 36 7.96 -2.44 0.16
CA ALA A 36 8.30 -1.77 1.41
C ALA A 36 8.66 -2.76 2.50
N LYS A 37 9.63 -2.39 3.34
CA LYS A 37 10.07 -3.24 4.45
C LYS A 37 9.25 -2.97 5.71
N THR A 38 8.85 -1.72 5.88
CA THR A 38 8.06 -1.32 7.03
C THR A 38 6.59 -1.30 6.65
N VAL A 39 5.75 -0.63 7.43
CA VAL A 39 4.33 -0.56 7.13
C VAL A 39 3.81 0.87 7.08
N GLU A 40 4.24 1.71 8.03
CA GLU A 40 3.80 3.09 8.07
C GLU A 40 3.92 3.76 6.71
N GLY A 41 4.95 3.40 5.97
CA GLY A 41 5.16 3.97 4.65
C GLY A 41 4.36 3.22 3.60
N VAL A 42 4.12 1.94 3.83
CA VAL A 42 3.35 1.12 2.90
C VAL A 42 1.96 1.68 2.66
N GLU A 43 1.24 1.98 3.73
CA GLU A 43 -0.12 2.51 3.62
C GLU A 43 -0.09 3.92 3.06
N SER A 44 0.74 4.78 3.65
CA SER A 44 0.86 6.16 3.20
C SER A 44 1.42 6.21 1.79
N LEU A 45 2.12 5.14 1.40
CA LEU A 45 2.71 5.06 0.07
C LEU A 45 1.65 5.20 -1.02
N LYS A 46 0.66 4.30 -1.00
CA LYS A 46 -0.40 4.34 -1.99
C LYS A 46 -1.33 5.53 -1.74
N ASN A 47 -1.67 5.76 -0.48
CA ASN A 47 -2.55 6.87 -0.15
C ASN A 47 -1.95 8.19 -0.59
N GLU A 48 -0.62 8.23 -0.67
CA GLU A 48 0.08 9.43 -1.12
C GLU A 48 0.03 9.53 -2.63
N ILE A 49 0.14 8.37 -3.27
CA ILE A 49 0.08 8.31 -4.73
C ILE A 49 -1.29 8.77 -5.21
N LEU A 50 -2.28 8.55 -4.35
CA LEU A 50 -3.65 8.92 -4.64
C LEU A 50 -3.87 10.40 -4.37
N LYS A 51 -3.15 10.93 -3.38
CA LYS A 51 -3.25 12.34 -3.06
C LYS A 51 -2.91 13.19 -4.28
N ALA A 52 -2.14 12.60 -5.20
CA ALA A 52 -1.73 13.27 -6.42
C ALA A 52 -1.77 12.31 -7.61
N LEU A 53 -2.96 11.76 -7.87
CA LEU A 53 -3.14 10.83 -8.98
C LEU A 53 -3.34 11.57 -10.30
N PRO A 54 -4.22 12.59 -10.32
CA PRO A 54 -4.50 13.36 -11.53
C PRO A 54 -3.22 13.83 -12.23
N THR A 55 -2.86 13.14 -13.30
CA THR A 55 -1.66 13.48 -14.05
C THR A 55 -2.00 13.70 -15.54
N GLU A 56 -2.66 12.72 -16.13
CA GLU A 56 -3.04 12.80 -17.54
C GLU A 56 -1.80 12.92 -18.43
N MET A 1 2.94 -16.81 24.70
CA MET A 1 3.97 -16.10 23.91
C MET A 1 3.75 -16.29 22.41
N GLU A 2 3.76 -15.19 21.66
CA GLU A 2 3.57 -15.26 20.21
C GLU A 2 4.08 -13.99 19.54
N ALA A 3 3.96 -13.95 18.22
CA ALA A 3 4.42 -12.79 17.45
C ALA A 3 3.81 -12.78 16.06
N VAL A 4 3.37 -11.61 15.61
CA VAL A 4 2.76 -11.46 14.31
C VAL A 4 2.83 -10.02 13.82
N ASP A 5 3.99 -9.40 13.99
CA ASP A 5 4.19 -8.01 13.57
C ASP A 5 4.06 -7.88 12.06
N ALA A 6 4.52 -8.88 11.33
CA ALA A 6 4.46 -8.89 9.88
C ALA A 6 3.02 -8.98 9.39
N ASN A 7 2.18 -9.67 10.18
CA ASN A 7 0.77 -9.84 9.82
C ASN A 7 0.09 -8.48 9.68
N SER A 8 0.31 -7.61 10.66
CA SER A 8 -0.28 -6.28 10.62
C SER A 8 0.33 -5.46 9.50
N LEU A 9 1.60 -5.71 9.22
CA LEU A 9 2.31 -5.01 8.16
C LEU A 9 1.76 -5.40 6.79
N ALA A 10 1.55 -6.70 6.60
CA ALA A 10 1.03 -7.23 5.34
C ALA A 10 -0.39 -6.74 5.06
N GLN A 11 -1.07 -6.25 6.09
CA GLN A 11 -2.44 -5.77 5.95
C GLN A 11 -2.45 -4.35 5.41
N ALA A 12 -1.53 -3.52 5.90
CA ALA A 12 -1.45 -2.14 5.44
C ALA A 12 -1.37 -2.12 3.91
N LYS A 13 -0.66 -3.09 3.36
CA LYS A 13 -0.50 -3.22 1.92
C LYS A 13 -1.66 -4.05 1.34
N GLU A 14 -1.87 -5.23 1.90
CA GLU A 14 -2.97 -6.08 1.45
C GLU A 14 -4.24 -5.26 1.41
N ALA A 15 -4.36 -4.36 2.37
CA ALA A 15 -5.50 -3.48 2.45
C ALA A 15 -5.33 -2.27 1.53
N ALA A 16 -4.10 -1.77 1.45
CA ALA A 16 -3.79 -0.63 0.60
C ALA A 16 -3.98 -0.98 -0.87
N ILE A 17 -3.81 -2.26 -1.21
CA ILE A 17 -3.97 -2.72 -2.58
C ILE A 17 -5.45 -2.79 -2.93
N LYS A 18 -6.27 -3.11 -1.93
CA LYS A 18 -7.71 -3.20 -2.12
C LYS A 18 -8.25 -1.85 -2.60
N GLU A 19 -7.57 -0.79 -2.22
CA GLU A 19 -7.96 0.56 -2.61
C GLU A 19 -7.42 0.86 -4.00
N LEU A 20 -6.20 0.42 -4.27
CA LEU A 20 -5.58 0.63 -5.56
C LEU A 20 -6.36 -0.09 -6.65
N LYS A 21 -7.00 -1.19 -6.28
CA LYS A 21 -7.79 -1.97 -7.23
C LYS A 21 -9.21 -1.44 -7.31
N GLN A 22 -9.72 -0.92 -6.19
CA GLN A 22 -11.07 -0.38 -6.16
C GLN A 22 -11.10 1.00 -6.80
N TYR A 23 -9.96 1.70 -6.75
CA TYR A 23 -9.84 3.03 -7.32
C TYR A 23 -9.58 2.95 -8.82
N GLY A 24 -8.77 1.99 -9.21
CA GLY A 24 -8.44 1.82 -10.61
C GLY A 24 -6.99 2.15 -10.91
N ILE A 25 -6.23 2.60 -9.90
CA ILE A 25 -4.83 2.94 -10.11
C ILE A 25 -4.08 1.79 -10.78
N GLY A 26 -2.82 2.03 -11.15
CA GLY A 26 -2.04 0.99 -11.80
C GLY A 26 -1.41 0.01 -10.82
N ASP A 27 -1.10 -1.18 -11.31
CA ASP A 27 -0.49 -2.22 -10.47
C ASP A 27 0.89 -1.80 -10.00
N TYR A 28 1.54 -0.93 -10.76
CA TYR A 28 2.87 -0.43 -10.39
C TYR A 28 2.91 -0.06 -8.93
N TYR A 29 1.88 0.68 -8.52
CA TYR A 29 1.76 1.17 -7.15
C TYR A 29 1.30 0.08 -6.18
N ILE A 30 0.64 -0.97 -6.67
CA ILE A 30 0.25 -2.05 -5.79
C ILE A 30 1.50 -2.85 -5.44
N LYS A 31 2.41 -2.91 -6.41
CA LYS A 31 3.67 -3.62 -6.28
C LYS A 31 4.69 -2.78 -5.52
N LEU A 32 4.87 -1.54 -5.96
CA LEU A 32 5.82 -0.64 -5.31
C LEU A 32 5.58 -0.61 -3.79
N ILE A 33 4.37 -1.02 -3.39
CA ILE A 33 3.99 -1.07 -1.99
C ILE A 33 4.66 -2.27 -1.31
N ASN A 34 4.40 -3.45 -1.84
CA ASN A 34 4.97 -4.68 -1.29
C ASN A 34 6.49 -4.58 -1.14
N ASN A 35 7.11 -3.69 -1.91
CA ASN A 35 8.56 -3.52 -1.86
C ASN A 35 9.01 -2.94 -0.52
N ALA A 36 8.12 -2.21 0.14
CA ALA A 36 8.43 -1.61 1.44
C ALA A 36 8.79 -2.66 2.48
N LYS A 37 9.61 -2.26 3.44
CA LYS A 37 10.06 -3.16 4.49
C LYS A 37 9.24 -2.94 5.76
N THR A 38 8.85 -1.69 6.00
CA THR A 38 8.06 -1.33 7.17
C THR A 38 6.58 -1.38 6.81
N VAL A 39 5.75 -0.53 7.44
CA VAL A 39 4.33 -0.51 7.14
C VAL A 39 3.78 0.91 7.08
N GLU A 40 4.16 1.75 8.03
CA GLU A 40 3.69 3.13 8.07
C GLU A 40 3.83 3.80 6.71
N GLY A 41 4.86 3.40 5.97
CA GLY A 41 5.08 3.96 4.65
C GLY A 41 4.30 3.21 3.58
N VAL A 42 4.14 1.91 3.79
CA VAL A 42 3.40 1.07 2.84
C VAL A 42 2.00 1.58 2.61
N GLU A 43 1.29 1.87 3.70
CA GLU A 43 -0.09 2.35 3.60
C GLU A 43 -0.12 3.76 3.02
N SER A 44 0.58 4.68 3.65
CA SER A 44 0.64 6.05 3.19
C SER A 44 1.23 6.12 1.78
N LEU A 45 1.99 5.09 1.42
CA LEU A 45 2.61 5.02 0.09
C LEU A 45 1.56 5.16 -0.99
N LYS A 46 0.59 4.24 -1.00
CA LYS A 46 -0.48 4.28 -1.99
C LYS A 46 -1.37 5.50 -1.76
N ASN A 47 -1.68 5.77 -0.51
CA ASN A 47 -2.53 6.91 -0.17
C ASN A 47 -1.87 8.20 -0.65
N GLU A 48 -0.54 8.19 -0.72
CA GLU A 48 0.21 9.35 -1.18
C GLU A 48 0.15 9.43 -2.70
N ILE A 49 0.16 8.25 -3.34
CA ILE A 49 0.08 8.18 -4.79
C ILE A 49 -1.28 8.67 -5.27
N LEU A 50 -2.27 8.50 -4.38
CA LEU A 50 -3.63 8.92 -4.66
C LEU A 50 -3.78 10.42 -4.44
N LYS A 51 -3.02 10.94 -3.49
CA LYS A 51 -3.05 12.38 -3.21
C LYS A 51 -2.55 13.15 -4.42
N ALA A 52 -1.82 12.46 -5.30
CA ALA A 52 -1.28 13.07 -6.50
C ALA A 52 -1.12 12.04 -7.61
N LEU A 53 -2.22 11.74 -8.31
CA LEU A 53 -2.19 10.77 -9.40
C LEU A 53 -1.84 11.44 -10.72
N PRO A 54 -1.41 10.64 -11.72
CA PRO A 54 -1.05 11.16 -13.04
C PRO A 54 -2.26 11.62 -13.84
N THR A 55 -2.69 12.85 -13.59
CA THR A 55 -3.85 13.40 -14.29
C THR A 55 -3.45 14.62 -15.11
N GLU A 56 -2.57 15.45 -14.55
CA GLU A 56 -2.11 16.65 -15.24
C GLU A 56 -0.68 16.48 -15.72
N MET A 1 -4.52 -2.62 18.54
CA MET A 1 -3.76 -3.17 17.39
C MET A 1 -2.36 -3.59 17.82
N GLU A 2 -2.14 -4.90 17.91
CA GLU A 2 -0.83 -5.42 18.30
C GLU A 2 -0.83 -6.96 18.23
N ALA A 3 0.25 -7.51 17.70
CA ALA A 3 0.39 -8.96 17.58
C ALA A 3 1.84 -9.35 17.30
N VAL A 4 2.25 -9.24 16.05
CA VAL A 4 3.61 -9.59 15.65
C VAL A 4 4.16 -8.63 14.61
N ASP A 5 3.43 -7.53 14.36
CA ASP A 5 3.85 -6.52 13.39
C ASP A 5 3.80 -7.07 11.96
N ALA A 6 4.54 -8.14 11.69
CA ALA A 6 4.57 -8.74 10.37
C ALA A 6 3.16 -9.01 9.83
N ASN A 7 2.26 -9.41 10.73
CA ASN A 7 0.88 -9.70 10.35
C ASN A 7 0.15 -8.41 9.95
N SER A 8 0.29 -7.38 10.79
CA SER A 8 -0.34 -6.10 10.51
C SER A 8 0.32 -5.41 9.33
N LEU A 9 1.62 -5.66 9.17
CA LEU A 9 2.38 -5.07 8.09
C LEU A 9 1.83 -5.51 6.73
N ALA A 10 1.55 -6.80 6.62
CA ALA A 10 1.02 -7.37 5.38
C ALA A 10 -0.40 -6.89 5.10
N GLN A 11 -1.09 -6.42 6.12
CA GLN A 11 -2.46 -5.93 5.98
C GLN A 11 -2.48 -4.50 5.48
N ALA A 12 -1.59 -3.66 6.02
CA ALA A 12 -1.53 -2.27 5.59
C ALA A 12 -1.48 -2.19 4.07
N LYS A 13 -0.65 -3.06 3.49
CA LYS A 13 -0.51 -3.12 2.04
C LYS A 13 -1.65 -3.93 1.45
N GLU A 14 -1.80 -5.18 1.91
CA GLU A 14 -2.88 -6.04 1.44
C GLU A 14 -4.18 -5.26 1.42
N ALA A 15 -4.33 -4.39 2.41
CA ALA A 15 -5.51 -3.54 2.52
C ALA A 15 -5.35 -2.28 1.68
N ALA A 16 -4.15 -1.70 1.69
CA ALA A 16 -3.87 -0.49 0.92
C ALA A 16 -3.97 -0.75 -0.58
N ILE A 17 -3.73 -1.99 -0.98
CA ILE A 17 -3.81 -2.36 -2.39
C ILE A 17 -5.25 -2.52 -2.83
N LYS A 18 -6.09 -3.00 -1.91
CA LYS A 18 -7.50 -3.18 -2.21
C LYS A 18 -8.09 -1.89 -2.74
N GLU A 19 -7.65 -0.76 -2.18
CA GLU A 19 -8.11 0.54 -2.62
C GLU A 19 -7.57 0.81 -4.03
N LEU A 20 -6.35 0.36 -4.26
CA LEU A 20 -5.72 0.52 -5.56
C LEU A 20 -6.48 -0.27 -6.61
N LYS A 21 -7.05 -1.39 -6.18
CA LYS A 21 -7.84 -2.24 -7.06
C LYS A 21 -9.23 -1.64 -7.25
N GLN A 22 -9.74 -1.04 -6.19
CA GLN A 22 -11.05 -0.41 -6.23
C GLN A 22 -10.97 0.93 -6.95
N TYR A 23 -9.80 1.56 -6.89
CA TYR A 23 -9.58 2.85 -7.55
C TYR A 23 -9.24 2.67 -9.01
N GLY A 24 -8.37 1.70 -9.29
CA GLY A 24 -7.98 1.44 -10.66
C GLY A 24 -6.60 1.98 -11.00
N ILE A 25 -5.91 2.55 -10.01
CA ILE A 25 -4.57 3.10 -10.25
C ILE A 25 -3.68 2.08 -10.96
N GLY A 26 -2.47 2.50 -11.36
CA GLY A 26 -1.58 1.59 -12.07
C GLY A 26 -1.05 0.49 -11.18
N ASP A 27 -0.89 -0.70 -11.76
CA ASP A 27 -0.38 -1.85 -11.02
C ASP A 27 1.00 -1.54 -10.43
N TYR A 28 1.69 -0.57 -11.03
CA TYR A 28 3.00 -0.17 -10.57
C TYR A 28 3.03 0.03 -9.06
N TYR A 29 2.01 0.72 -8.59
CA TYR A 29 1.88 1.07 -7.17
C TYR A 29 1.51 -0.13 -6.30
N ILE A 30 0.46 -0.85 -6.64
CA ILE A 30 0.09 -2.02 -5.85
C ILE A 30 1.34 -2.88 -5.63
N LYS A 31 2.24 -2.81 -6.61
CA LYS A 31 3.51 -3.54 -6.55
C LYS A 31 4.56 -2.76 -5.77
N LEU A 32 4.72 -1.48 -6.12
CA LEU A 32 5.70 -0.63 -5.44
C LEU A 32 5.49 -0.67 -3.91
N ILE A 33 4.31 -1.13 -3.49
CA ILE A 33 3.97 -1.23 -2.08
C ILE A 33 4.57 -2.50 -1.48
N ASN A 34 4.23 -3.65 -2.07
CA ASN A 34 4.73 -4.93 -1.59
C ASN A 34 6.26 -4.93 -1.47
N ASN A 35 6.92 -4.05 -2.20
CA ASN A 35 8.37 -3.95 -2.18
C ASN A 35 8.88 -3.38 -0.86
N ALA A 36 8.01 -2.67 -0.14
CA ALA A 36 8.39 -2.06 1.13
C ALA A 36 8.80 -3.11 2.15
N LYS A 37 9.52 -2.66 3.18
CA LYS A 37 9.98 -3.54 4.23
C LYS A 37 9.22 -3.26 5.53
N THR A 38 8.82 -2.02 5.71
CA THR A 38 8.07 -1.61 6.89
C THR A 38 6.58 -1.58 6.57
N VAL A 39 5.82 -0.72 7.25
CA VAL A 39 4.40 -0.63 6.99
C VAL A 39 3.87 0.81 6.98
N GLU A 40 4.32 1.60 7.95
CA GLU A 40 3.88 2.99 8.06
C GLU A 40 3.94 3.69 6.70
N GLY A 41 5.03 3.47 5.98
CA GLY A 41 5.19 4.08 4.67
C GLY A 41 4.38 3.35 3.61
N VAL A 42 4.12 2.07 3.84
CA VAL A 42 3.37 1.25 2.91
C VAL A 42 1.93 1.75 2.73
N GLU A 43 1.21 1.87 3.83
CA GLU A 43 -0.18 2.32 3.78
C GLU A 43 -0.25 3.74 3.21
N SER A 44 0.61 4.61 3.72
CA SER A 44 0.65 5.99 3.25
C SER A 44 1.23 6.06 1.85
N LEU A 45 2.00 5.04 1.48
CA LEU A 45 2.61 4.98 0.15
C LEU A 45 1.54 5.09 -0.94
N LYS A 46 0.58 4.17 -0.90
CA LYS A 46 -0.50 4.19 -1.89
C LYS A 46 -1.41 5.40 -1.65
N ASN A 47 -1.71 5.67 -0.39
CA ASN A 47 -2.57 6.80 -0.05
C ASN A 47 -1.93 8.10 -0.51
N GLU A 48 -0.60 8.12 -0.56
CA GLU A 48 0.14 9.29 -1.01
C GLU A 48 0.08 9.38 -2.52
N ILE A 49 0.12 8.22 -3.17
CA ILE A 49 0.04 8.16 -4.63
C ILE A 49 -1.32 8.62 -5.09
N LEU A 50 -2.31 8.41 -4.22
CA LEU A 50 -3.68 8.80 -4.50
C LEU A 50 -3.89 10.27 -4.20
N LYS A 51 -3.18 10.77 -3.19
CA LYS A 51 -3.28 12.18 -2.82
C LYS A 51 -2.84 13.05 -4.00
N ALA A 52 -2.07 12.46 -4.91
CA ALA A 52 -1.58 13.17 -6.08
C ALA A 52 -1.53 12.24 -7.29
N LEU A 53 -2.70 11.78 -7.74
CA LEU A 53 -2.78 10.88 -8.88
C LEU A 53 -2.63 11.66 -10.19
N PRO A 54 -1.51 11.46 -10.91
CA PRO A 54 -1.26 12.14 -12.19
C PRO A 54 -2.21 11.69 -13.29
N THR A 55 -2.32 12.49 -14.34
CA THR A 55 -3.19 12.17 -15.46
C THR A 55 -2.37 11.70 -16.67
N GLU A 56 -3.03 10.98 -17.57
CA GLU A 56 -2.38 10.48 -18.77
C GLU A 56 -2.80 11.28 -20.00
N MET A 1 1.44 -12.66 19.11
CA MET A 1 1.56 -12.74 20.59
C MET A 1 2.74 -11.90 21.09
N GLU A 2 3.95 -12.36 20.77
CA GLU A 2 5.16 -11.65 21.19
C GLU A 2 5.88 -11.03 19.99
N ALA A 3 5.70 -11.64 18.82
CA ALA A 3 6.33 -11.15 17.60
C ALA A 3 5.54 -11.58 16.37
N VAL A 4 4.68 -10.69 15.89
CA VAL A 4 3.86 -10.97 14.72
C VAL A 4 3.48 -9.68 13.99
N ASP A 5 4.36 -8.69 14.06
CA ASP A 5 4.11 -7.40 13.42
C ASP A 5 3.89 -7.58 11.92
N ALA A 6 4.48 -8.62 11.35
CA ALA A 6 4.35 -8.90 9.93
C ALA A 6 2.88 -9.04 9.53
N ASN A 7 2.06 -9.54 10.44
CA ASN A 7 0.63 -9.72 10.19
C ASN A 7 -0.04 -8.37 9.97
N SER A 8 0.24 -7.42 10.86
CA SER A 8 -0.33 -6.09 10.76
C SER A 8 0.28 -5.34 9.59
N LEU A 9 1.55 -5.64 9.30
CA LEU A 9 2.26 -5.00 8.20
C LEU A 9 1.67 -5.43 6.86
N ALA A 10 1.43 -6.73 6.72
CA ALA A 10 0.89 -7.30 5.50
C ALA A 10 -0.52 -6.79 5.21
N GLN A 11 -1.19 -6.27 6.24
CA GLN A 11 -2.55 -5.75 6.08
C GLN A 11 -2.52 -4.35 5.49
N ALA A 12 -1.63 -3.50 5.98
CA ALA A 12 -1.52 -2.14 5.48
C ALA A 12 -1.38 -2.16 3.96
N LYS A 13 -0.67 -3.16 3.47
CA LYS A 13 -0.45 -3.35 2.04
C LYS A 13 -1.58 -4.17 1.44
N GLU A 14 -1.81 -5.35 2.02
CA GLU A 14 -2.89 -6.22 1.55
C GLU A 14 -4.18 -5.41 1.46
N ALA A 15 -4.34 -4.50 2.41
CA ALA A 15 -5.52 -3.63 2.44
C ALA A 15 -5.33 -2.45 1.50
N ALA A 16 -4.08 -2.02 1.34
CA ALA A 16 -3.77 -0.89 0.47
C ALA A 16 -3.88 -1.29 -1.01
N ILE A 17 -3.70 -2.59 -1.28
CA ILE A 17 -3.80 -3.08 -2.65
C ILE A 17 -5.26 -3.13 -3.08
N LYS A 18 -6.14 -3.43 -2.13
CA LYS A 18 -7.56 -3.49 -2.41
C LYS A 18 -8.06 -2.11 -2.84
N GLU A 19 -7.45 -1.07 -2.29
CA GLU A 19 -7.83 0.29 -2.64
C GLU A 19 -7.38 0.60 -4.06
N LEU A 20 -6.14 0.26 -4.36
CA LEU A 20 -5.60 0.48 -5.69
C LEU A 20 -6.40 -0.32 -6.72
N LYS A 21 -7.05 -1.38 -6.24
CA LYS A 21 -7.85 -2.24 -7.10
C LYS A 21 -9.25 -1.65 -7.29
N GLN A 22 -9.82 -1.10 -6.22
CA GLN A 22 -11.14 -0.50 -6.30
C GLN A 22 -11.06 0.91 -6.87
N TYR A 23 -9.91 1.56 -6.67
CA TYR A 23 -9.71 2.92 -7.18
C TYR A 23 -9.44 2.89 -8.68
N GLY A 24 -8.66 1.91 -9.12
CA GLY A 24 -8.33 1.79 -10.52
C GLY A 24 -6.92 2.24 -10.83
N ILE A 25 -6.20 2.71 -9.81
CA ILE A 25 -4.82 3.18 -10.01
C ILE A 25 -3.99 2.13 -10.75
N GLY A 26 -2.76 2.48 -11.10
CA GLY A 26 -1.90 1.55 -11.82
C GLY A 26 -1.27 0.51 -10.91
N ASP A 27 -0.98 -0.66 -11.48
CA ASP A 27 -0.38 -1.76 -10.73
C ASP A 27 0.97 -1.35 -10.15
N TYR A 28 1.62 -0.39 -10.80
CA TYR A 28 2.92 0.10 -10.34
C TYR A 28 2.91 0.32 -8.84
N TYR A 29 1.86 0.97 -8.38
CA TYR A 29 1.68 1.30 -6.98
C TYR A 29 1.21 0.12 -6.13
N ILE A 30 0.57 -0.87 -6.74
CA ILE A 30 0.16 -2.02 -5.96
C ILE A 30 1.41 -2.81 -5.60
N LYS A 31 2.39 -2.75 -6.51
CA LYS A 31 3.67 -3.42 -6.34
C LYS A 31 4.62 -2.58 -5.50
N LEU A 32 4.73 -1.29 -5.82
CA LEU A 32 5.61 -0.39 -5.08
C LEU A 32 5.36 -0.51 -3.57
N ILE A 33 4.20 -1.05 -3.21
CA ILE A 33 3.82 -1.24 -1.81
C ILE A 33 4.45 -2.52 -1.26
N ASN A 34 4.14 -3.64 -1.91
CA ASN A 34 4.67 -4.94 -1.49
C ASN A 34 6.19 -4.91 -1.32
N ASN A 35 6.85 -3.98 -2.00
CA ASN A 35 8.30 -3.87 -1.93
C ASN A 35 8.76 -3.24 -0.61
N ALA A 36 7.85 -2.51 0.05
CA ALA A 36 8.18 -1.86 1.32
C ALA A 36 8.65 -2.87 2.35
N LYS A 37 9.46 -2.39 3.30
CA LYS A 37 9.98 -3.24 4.36
C LYS A 37 9.18 -3.05 5.65
N THR A 38 8.78 -1.81 5.91
CA THR A 38 8.00 -1.49 7.09
C THR A 38 6.52 -1.45 6.74
N VAL A 39 5.73 -0.66 7.46
CA VAL A 39 4.31 -0.57 7.18
C VAL A 39 3.81 0.89 7.15
N GLU A 40 4.25 1.69 8.11
CA GLU A 40 3.83 3.08 8.17
C GLU A 40 3.98 3.75 6.81
N GLY A 41 5.01 3.35 6.07
CA GLY A 41 5.23 3.89 4.75
C GLY A 41 4.39 3.19 3.71
N VAL A 42 4.24 1.87 3.87
CA VAL A 42 3.46 1.07 2.95
C VAL A 42 2.10 1.71 2.65
N GLU A 43 1.38 2.05 3.71
CA GLU A 43 0.06 2.65 3.56
C GLU A 43 0.15 4.06 2.97
N SER A 44 1.02 4.88 3.54
CA SER A 44 1.21 6.24 3.07
C SER A 44 1.73 6.26 1.64
N LEU A 45 2.35 5.16 1.23
CA LEU A 45 2.91 5.05 -0.13
C LEU A 45 1.80 5.16 -1.18
N LYS A 46 0.83 4.25 -1.13
CA LYS A 46 -0.27 4.28 -2.09
C LYS A 46 -1.18 5.47 -1.81
N ASN A 47 -1.50 5.70 -0.55
CA ASN A 47 -2.36 6.83 -0.19
C ASN A 47 -1.76 8.14 -0.70
N GLU A 48 -0.43 8.17 -0.81
CA GLU A 48 0.26 9.34 -1.32
C GLU A 48 0.12 9.42 -2.83
N ILE A 49 0.16 8.26 -3.47
CA ILE A 49 0.01 8.18 -4.91
C ILE A 49 -1.38 8.66 -5.31
N LEU A 50 -2.32 8.47 -4.39
CA LEU A 50 -3.70 8.88 -4.59
C LEU A 50 -3.86 10.37 -4.36
N LYS A 51 -3.10 10.90 -3.40
CA LYS A 51 -3.16 12.33 -3.11
C LYS A 51 -2.78 13.13 -4.35
N ALA A 52 -2.08 12.49 -5.28
CA ALA A 52 -1.65 13.11 -6.52
C ALA A 52 -1.64 12.10 -7.66
N LEU A 53 -2.80 11.49 -7.92
CA LEU A 53 -2.93 10.50 -8.98
C LEU A 53 -2.23 10.96 -10.26
N PRO A 54 -1.04 10.41 -10.56
CA PRO A 54 -0.27 10.76 -11.75
C PRO A 54 -0.71 9.97 -12.98
N THR A 55 0.09 10.04 -14.04
CA THR A 55 -0.23 9.32 -15.27
C THR A 55 0.90 8.37 -15.64
N GLU A 56 1.66 7.93 -14.64
CA GLU A 56 2.77 7.01 -14.85
C GLU A 56 3.76 7.58 -15.86
N MET A 1 -7.93 -6.92 14.22
CA MET A 1 -7.04 -8.05 13.84
C MET A 1 -5.60 -7.73 14.15
N GLU A 2 -4.89 -8.74 14.67
CA GLU A 2 -3.48 -8.57 15.02
C GLU A 2 -2.76 -9.93 15.07
N ALA A 3 -1.49 -9.91 15.40
CA ALA A 3 -0.70 -11.13 15.49
C ALA A 3 0.63 -10.88 16.22
N VAL A 4 1.57 -10.25 15.54
CA VAL A 4 2.87 -9.96 16.12
C VAL A 4 3.51 -8.74 15.47
N ASP A 5 3.35 -8.60 14.16
CA ASP A 5 3.92 -7.48 13.43
C ASP A 5 3.78 -7.67 11.93
N ALA A 6 4.31 -8.77 11.42
CA ALA A 6 4.24 -9.08 9.99
C ALA A 6 2.81 -9.14 9.50
N ASN A 7 1.92 -9.66 10.35
CA ASN A 7 0.51 -9.78 9.99
C ASN A 7 -0.11 -8.40 9.79
N SER A 8 0.14 -7.50 10.74
CA SER A 8 -0.39 -6.15 10.66
C SER A 8 0.27 -5.38 9.52
N LEU A 9 1.54 -5.71 9.26
CA LEU A 9 2.29 -5.06 8.19
C LEU A 9 1.73 -5.45 6.82
N ALA A 10 1.46 -6.73 6.65
CA ALA A 10 0.94 -7.25 5.39
C ALA A 10 -0.46 -6.73 5.11
N GLN A 11 -1.14 -6.24 6.14
CA GLN A 11 -2.48 -5.71 5.99
C GLN A 11 -2.45 -4.30 5.43
N ALA A 12 -1.51 -3.49 5.90
CA ALA A 12 -1.39 -2.13 5.42
C ALA A 12 -1.32 -2.11 3.92
N LYS A 13 -0.61 -3.10 3.37
CA LYS A 13 -0.47 -3.24 1.92
C LYS A 13 -1.62 -4.05 1.36
N GLU A 14 -1.84 -5.25 1.92
CA GLU A 14 -2.94 -6.11 1.48
C GLU A 14 -4.21 -5.29 1.42
N ALA A 15 -4.34 -4.38 2.37
CA ALA A 15 -5.49 -3.49 2.43
C ALA A 15 -5.31 -2.29 1.51
N ALA A 16 -4.07 -1.82 1.40
CA ALA A 16 -3.76 -0.68 0.54
C ALA A 16 -3.92 -1.04 -0.93
N ILE A 17 -3.74 -2.32 -1.25
CA ILE A 17 -3.88 -2.79 -2.63
C ILE A 17 -5.36 -2.87 -3.01
N LYS A 18 -6.19 -3.22 -2.03
CA LYS A 18 -7.63 -3.31 -2.26
C LYS A 18 -8.17 -1.97 -2.74
N GLU A 19 -7.55 -0.89 -2.27
CA GLU A 19 -7.96 0.44 -2.67
C GLU A 19 -7.43 0.76 -4.07
N LEU A 20 -6.20 0.34 -4.33
CA LEU A 20 -5.59 0.56 -5.64
C LEU A 20 -6.44 -0.08 -6.74
N LYS A 21 -7.07 -1.20 -6.40
CA LYS A 21 -7.92 -1.90 -7.35
C LYS A 21 -9.32 -1.28 -7.37
N GLN A 22 -9.80 -0.89 -6.19
CA GLN A 22 -11.11 -0.26 -6.09
C GLN A 22 -11.09 1.13 -6.71
N TYR A 23 -9.92 1.76 -6.69
CA TYR A 23 -9.75 3.09 -7.26
C TYR A 23 -9.50 3.01 -8.76
N GLY A 24 -8.75 2.00 -9.16
CA GLY A 24 -8.44 1.83 -10.58
C GLY A 24 -7.00 2.15 -10.91
N ILE A 25 -6.24 2.62 -9.91
CA ILE A 25 -4.83 2.95 -10.14
C ILE A 25 -4.09 1.78 -10.81
N GLY A 26 -2.84 2.01 -11.22
CA GLY A 26 -2.08 0.97 -11.85
C GLY A 26 -1.46 0.00 -10.86
N ASP A 27 -1.10 -1.18 -11.33
CA ASP A 27 -0.51 -2.21 -10.48
C ASP A 27 0.89 -1.78 -10.02
N TYR A 28 1.51 -0.89 -10.76
CA TYR A 28 2.84 -0.40 -10.40
C TYR A 28 2.90 -0.06 -8.92
N TYR A 29 1.90 0.70 -8.51
CA TYR A 29 1.78 1.16 -7.13
C TYR A 29 1.34 0.07 -6.17
N ILE A 30 0.68 -0.96 -6.67
CA ILE A 30 0.28 -2.05 -5.80
C ILE A 30 1.53 -2.87 -5.48
N LYS A 31 2.44 -2.92 -6.45
CA LYS A 31 3.71 -3.64 -6.33
C LYS A 31 4.74 -2.80 -5.58
N LEU A 32 4.88 -1.53 -6.00
CA LEU A 32 5.83 -0.63 -5.36
C LEU A 32 5.60 -0.60 -3.84
N ILE A 33 4.42 -1.07 -3.42
CA ILE A 33 4.05 -1.12 -2.01
C ILE A 33 4.70 -2.33 -1.34
N ASN A 34 4.46 -3.51 -1.90
CA ASN A 34 5.00 -4.75 -1.36
C ASN A 34 6.51 -4.70 -1.18
N ASN A 35 7.18 -3.83 -1.92
CA ASN A 35 8.64 -3.71 -1.84
C ASN A 35 9.10 -3.05 -0.54
N ALA A 36 8.21 -2.30 0.10
CA ALA A 36 8.54 -1.61 1.35
C ALA A 36 9.12 -2.57 2.38
N LYS A 37 9.90 -2.03 3.31
CA LYS A 37 10.53 -2.83 4.36
C LYS A 37 9.85 -2.62 5.71
N THR A 38 8.85 -1.74 5.73
CA THR A 38 8.10 -1.44 6.96
C THR A 38 6.61 -1.47 6.67
N VAL A 39 5.83 -0.60 7.30
CA VAL A 39 4.39 -0.56 7.06
C VAL A 39 3.85 0.87 7.01
N GLU A 40 4.28 1.70 7.96
CA GLU A 40 3.82 3.08 8.01
C GLU A 40 3.94 3.75 6.65
N GLY A 41 4.97 3.38 5.90
CA GLY A 41 5.17 3.94 4.59
C GLY A 41 4.39 3.18 3.53
N VAL A 42 4.20 1.89 3.76
CA VAL A 42 3.46 1.05 2.83
C VAL A 42 2.04 1.57 2.59
N GLU A 43 1.34 1.86 3.69
CA GLU A 43 -0.03 2.35 3.60
C GLU A 43 -0.06 3.77 3.06
N SER A 44 0.75 4.64 3.65
CA SER A 44 0.83 6.03 3.22
C SER A 44 1.37 6.11 1.79
N LEU A 45 2.09 5.07 1.38
CA LEU A 45 2.66 5.01 0.04
C LEU A 45 1.57 5.14 -1.03
N LYS A 46 0.61 4.22 -1.02
CA LYS A 46 -0.47 4.25 -1.98
C LYS A 46 -1.39 5.44 -1.73
N ASN A 47 -1.74 5.66 -0.47
CA ASN A 47 -2.61 6.78 -0.12
C ASN A 47 -1.99 8.10 -0.57
N GLU A 48 -0.66 8.13 -0.61
CA GLU A 48 0.07 9.31 -1.03
C GLU A 48 0.04 9.42 -2.55
N ILE A 49 0.09 8.26 -3.21
CA ILE A 49 0.04 8.23 -4.67
C ILE A 49 -1.33 8.70 -5.14
N LEU A 50 -2.32 8.48 -4.30
CA LEU A 50 -3.69 8.87 -4.58
C LEU A 50 -3.88 10.36 -4.32
N LYS A 51 -3.16 10.88 -3.34
CA LYS A 51 -3.23 12.30 -3.03
C LYS A 51 -2.70 13.12 -4.20
N ALA A 52 -1.94 12.47 -5.08
CA ALA A 52 -1.37 13.13 -6.24
C ALA A 52 -1.14 12.12 -7.37
N LEU A 53 -2.21 11.75 -8.07
CA LEU A 53 -2.11 10.80 -9.17
C LEU A 53 -1.66 11.49 -10.45
N PRO A 54 -0.85 10.80 -11.28
CA PRO A 54 -0.35 11.35 -12.54
C PRO A 54 -1.42 11.36 -13.63
N THR A 55 -1.76 12.55 -14.09
CA THR A 55 -2.77 12.70 -15.13
C THR A 55 -2.12 12.98 -16.48
N GLU A 56 -2.94 13.05 -17.53
CA GLU A 56 -2.44 13.32 -18.88
C GLU A 56 -1.74 14.68 -18.93
N MET A 1 6.62 -5.53 20.32
CA MET A 1 8.02 -6.01 20.49
C MET A 1 8.33 -7.13 19.51
N GLU A 2 7.75 -8.30 19.75
CA GLU A 2 7.96 -9.45 18.89
C GLU A 2 6.81 -10.45 19.01
N ALA A 3 6.22 -10.81 17.88
CA ALA A 3 5.12 -11.75 17.87
C ALA A 3 4.69 -12.08 16.44
N VAL A 4 3.94 -11.16 15.82
CA VAL A 4 3.48 -11.35 14.46
C VAL A 4 3.26 -10.01 13.76
N ASP A 5 4.19 -9.09 13.97
CA ASP A 5 4.11 -7.76 13.38
C ASP A 5 4.02 -7.85 11.86
N ALA A 6 4.62 -8.89 11.29
CA ALA A 6 4.61 -9.09 9.84
C ALA A 6 3.18 -9.19 9.32
N ASN A 7 2.28 -9.71 10.14
CA ASN A 7 0.89 -9.86 9.76
C ASN A 7 0.22 -8.50 9.63
N SER A 8 0.42 -7.64 10.63
CA SER A 8 -0.15 -6.31 10.63
C SER A 8 0.42 -5.48 9.49
N LEU A 9 1.68 -5.74 9.16
CA LEU A 9 2.35 -5.04 8.07
C LEU A 9 1.76 -5.43 6.73
N ALA A 10 1.56 -6.72 6.54
CA ALA A 10 1.01 -7.24 5.29
C ALA A 10 -0.41 -6.75 5.03
N GLN A 11 -1.07 -6.27 6.08
CA GLN A 11 -2.44 -5.77 5.95
C GLN A 11 -2.44 -4.35 5.40
N ALA A 12 -1.53 -3.52 5.89
CA ALA A 12 -1.45 -2.14 5.41
C ALA A 12 -1.34 -2.12 3.90
N LYS A 13 -0.63 -3.11 3.36
CA LYS A 13 -0.46 -3.25 1.93
C LYS A 13 -1.60 -4.07 1.33
N GLU A 14 -1.84 -5.25 1.89
CA GLU A 14 -2.93 -6.10 1.43
C GLU A 14 -4.21 -5.28 1.38
N ALA A 15 -4.33 -4.39 2.35
CA ALA A 15 -5.49 -3.51 2.44
C ALA A 15 -5.32 -2.33 1.48
N ALA A 16 -4.15 -1.70 1.53
CA ALA A 16 -3.86 -0.57 0.65
C ALA A 16 -3.98 -0.98 -0.82
N ILE A 17 -3.79 -2.28 -1.06
CA ILE A 17 -3.88 -2.83 -2.40
C ILE A 17 -5.34 -2.90 -2.84
N LYS A 18 -6.22 -3.15 -1.88
CA LYS A 18 -7.65 -3.23 -2.15
C LYS A 18 -8.19 -1.87 -2.61
N GLU A 19 -7.46 -0.81 -2.27
CA GLU A 19 -7.86 0.53 -2.66
C GLU A 19 -7.34 0.86 -4.05
N LEU A 20 -6.10 0.46 -4.32
CA LEU A 20 -5.49 0.69 -5.62
C LEU A 20 -6.29 -0.01 -6.71
N LYS A 21 -6.88 -1.14 -6.35
CA LYS A 21 -7.70 -1.91 -7.29
C LYS A 21 -9.11 -1.36 -7.33
N GLN A 22 -9.60 -0.91 -6.18
CA GLN A 22 -10.94 -0.34 -6.08
C GLN A 22 -10.98 1.03 -6.76
N TYR A 23 -9.84 1.72 -6.76
CA TYR A 23 -9.75 3.03 -7.38
C TYR A 23 -9.48 2.90 -8.88
N GLY A 24 -8.65 1.93 -9.25
CA GLY A 24 -8.33 1.71 -10.64
C GLY A 24 -6.89 2.07 -10.97
N ILE A 25 -6.14 2.55 -9.98
CA ILE A 25 -4.74 2.93 -10.21
C ILE A 25 -3.97 1.77 -10.86
N GLY A 26 -2.73 2.03 -11.26
CA GLY A 26 -1.93 0.99 -11.89
C GLY A 26 -1.33 0.02 -10.88
N ASP A 27 -1.14 -1.21 -11.32
CA ASP A 27 -0.58 -2.25 -10.45
C ASP A 27 0.80 -1.86 -9.96
N TYR A 28 1.48 -0.98 -10.70
CA TYR A 28 2.81 -0.53 -10.32
C TYR A 28 2.85 -0.17 -8.85
N TYR A 29 1.86 0.63 -8.46
CA TYR A 29 1.74 1.11 -7.09
C TYR A 29 1.27 0.02 -6.12
N ILE A 30 0.61 -1.02 -6.61
CA ILE A 30 0.19 -2.09 -5.73
C ILE A 30 1.43 -2.91 -5.36
N LYS A 31 2.34 -2.99 -6.31
CA LYS A 31 3.60 -3.72 -6.15
C LYS A 31 4.62 -2.87 -5.41
N LEU A 32 4.80 -1.63 -5.86
CA LEU A 32 5.75 -0.72 -5.23
C LEU A 32 5.50 -0.66 -3.71
N ILE A 33 4.30 -1.07 -3.30
CA ILE A 33 3.90 -1.10 -1.90
C ILE A 33 4.54 -2.30 -1.20
N ASN A 34 4.27 -3.49 -1.73
CA ASN A 34 4.81 -4.72 -1.16
C ASN A 34 6.33 -4.66 -1.04
N ASN A 35 6.96 -3.81 -1.84
CA ASN A 35 8.41 -3.67 -1.81
C ASN A 35 8.89 -3.06 -0.50
N ALA A 36 8.00 -2.37 0.20
CA ALA A 36 8.35 -1.73 1.46
C ALA A 36 8.60 -2.77 2.56
N LYS A 37 9.59 -2.49 3.40
CA LYS A 37 9.94 -3.39 4.50
C LYS A 37 9.12 -3.06 5.75
N THR A 38 8.83 -1.78 5.93
CA THR A 38 8.04 -1.33 7.08
C THR A 38 6.56 -1.36 6.73
N VAL A 39 5.75 -0.53 7.38
CA VAL A 39 4.33 -0.50 7.09
C VAL A 39 3.76 0.91 7.05
N GLU A 40 4.20 1.76 7.97
CA GLU A 40 3.72 3.13 8.03
C GLU A 40 3.81 3.79 6.67
N GLY A 41 4.88 3.50 5.94
CA GLY A 41 5.06 4.07 4.62
C GLY A 41 4.28 3.30 3.57
N VAL A 42 4.10 2.01 3.80
CA VAL A 42 3.36 1.15 2.87
C VAL A 42 1.95 1.67 2.62
N GLU A 43 1.22 1.94 3.69
CA GLU A 43 -0.15 2.42 3.58
C GLU A 43 -0.18 3.83 2.99
N SER A 44 0.56 4.74 3.61
CA SER A 44 0.61 6.12 3.15
C SER A 44 1.21 6.19 1.75
N LEU A 45 1.98 5.16 1.38
CA LEU A 45 2.60 5.09 0.06
C LEU A 45 1.55 5.24 -1.03
N LYS A 46 0.58 4.33 -1.04
CA LYS A 46 -0.49 4.36 -2.03
C LYS A 46 -1.39 5.58 -1.78
N ASN A 47 -1.69 5.84 -0.53
CA ASN A 47 -2.54 6.98 -0.19
C ASN A 47 -1.90 8.28 -0.66
N GLU A 48 -0.57 8.29 -0.70
CA GLU A 48 0.17 9.47 -1.15
C GLU A 48 0.13 9.54 -2.67
N ILE A 49 0.16 8.38 -3.31
CA ILE A 49 0.10 8.31 -4.76
C ILE A 49 -1.26 8.79 -5.24
N LEU A 50 -2.25 8.58 -4.39
CA LEU A 50 -3.62 8.97 -4.68
C LEU A 50 -3.81 10.46 -4.43
N LYS A 51 -3.08 10.99 -3.45
CA LYS A 51 -3.15 12.40 -3.13
C LYS A 51 -2.71 13.23 -4.33
N ALA A 52 -1.94 12.60 -5.21
CA ALA A 52 -1.45 13.25 -6.41
C ALA A 52 -1.36 12.26 -7.57
N LEU A 53 -2.48 11.64 -7.91
CA LEU A 53 -2.53 10.67 -9.00
C LEU A 53 -2.57 11.37 -10.35
N PRO A 54 -1.49 11.25 -11.15
CA PRO A 54 -1.42 11.87 -12.48
C PRO A 54 -2.28 11.15 -13.51
N THR A 55 -2.28 11.65 -14.73
CA THR A 55 -3.06 11.05 -15.80
C THR A 55 -2.16 10.36 -16.81
N GLU A 56 -1.11 11.06 -17.25
CA GLU A 56 -0.17 10.51 -18.21
C GLU A 56 -0.87 10.15 -19.52
N MET A 1 10.05 -3.46 19.34
CA MET A 1 10.83 -4.65 18.90
C MET A 1 10.00 -5.56 17.99
N GLU A 2 10.63 -6.58 17.45
CA GLU A 2 9.95 -7.52 16.56
C GLU A 2 9.13 -8.54 17.36
N ALA A 3 8.21 -9.20 16.69
CA ALA A 3 7.36 -10.20 17.34
C ALA A 3 6.42 -10.85 16.33
N VAL A 4 5.44 -10.06 15.87
CA VAL A 4 4.47 -10.54 14.89
C VAL A 4 3.86 -9.39 14.12
N ASP A 5 4.62 -8.32 13.96
CA ASP A 5 4.15 -7.14 13.24
C ASP A 5 4.00 -7.44 11.75
N ALA A 6 4.71 -8.45 11.27
CA ALA A 6 4.64 -8.83 9.87
C ALA A 6 3.20 -9.04 9.41
N ASN A 7 2.37 -9.56 10.31
CA ASN A 7 0.96 -9.82 10.00
C ASN A 7 0.23 -8.49 9.76
N SER A 8 0.43 -7.54 10.66
CA SER A 8 -0.20 -6.24 10.56
C SER A 8 0.38 -5.46 9.38
N LEU A 9 1.66 -5.70 9.10
CA LEU A 9 2.34 -5.04 8.00
C LEU A 9 1.75 -5.48 6.67
N ALA A 10 1.54 -6.77 6.52
CA ALA A 10 1.00 -7.33 5.29
C ALA A 10 -0.43 -6.86 5.02
N GLN A 11 -1.10 -6.37 6.06
CA GLN A 11 -2.47 -5.90 5.93
C GLN A 11 -2.49 -4.48 5.38
N ALA A 12 -1.61 -3.63 5.89
CA ALA A 12 -1.55 -2.25 5.43
C ALA A 12 -1.43 -2.22 3.91
N LYS A 13 -0.70 -3.19 3.38
CA LYS A 13 -0.50 -3.32 1.94
C LYS A 13 -1.62 -4.13 1.32
N GLU A 14 -1.84 -5.33 1.88
CA GLU A 14 -2.91 -6.20 1.39
C GLU A 14 -4.20 -5.40 1.33
N ALA A 15 -4.37 -4.53 2.33
CA ALA A 15 -5.54 -3.68 2.40
C ALA A 15 -5.39 -2.49 1.45
N ALA A 16 -4.22 -1.86 1.48
CA ALA A 16 -3.94 -0.72 0.61
C ALA A 16 -4.08 -1.11 -0.85
N ILE A 17 -3.87 -2.40 -1.14
CA ILE A 17 -3.99 -2.91 -2.50
C ILE A 17 -5.44 -2.89 -2.95
N LYS A 18 -6.33 -3.23 -2.03
CA LYS A 18 -7.76 -3.25 -2.30
C LYS A 18 -8.23 -1.88 -2.79
N GLU A 19 -7.56 -0.83 -2.32
CA GLU A 19 -7.92 0.53 -2.72
C GLU A 19 -7.37 0.83 -4.10
N LEU A 20 -6.16 0.36 -4.37
CA LEU A 20 -5.54 0.58 -5.67
C LEU A 20 -6.37 -0.06 -6.77
N LYS A 21 -7.03 -1.17 -6.42
CA LYS A 21 -7.87 -1.88 -7.36
C LYS A 21 -9.25 -1.25 -7.44
N GLN A 22 -9.77 -0.82 -6.30
CA GLN A 22 -11.09 -0.18 -6.25
C GLN A 22 -11.01 1.22 -6.84
N TYR A 23 -9.83 1.83 -6.77
CA TYR A 23 -9.62 3.16 -7.30
C TYR A 23 -9.38 3.11 -8.80
N GLY A 24 -8.64 2.10 -9.23
CA GLY A 24 -8.34 1.95 -10.64
C GLY A 24 -6.88 2.22 -10.98
N ILE A 25 -6.13 2.71 -9.99
CA ILE A 25 -4.70 3.01 -10.22
C ILE A 25 -3.99 1.82 -10.87
N GLY A 26 -2.73 2.01 -11.26
CA GLY A 26 -1.98 0.94 -11.89
C GLY A 26 -1.41 -0.04 -10.87
N ASP A 27 -0.97 -1.20 -11.37
CA ASP A 27 -0.41 -2.22 -10.50
C ASP A 27 0.97 -1.82 -10.00
N TYR A 28 1.63 -0.93 -10.72
CA TYR A 28 2.96 -0.45 -10.33
C TYR A 28 2.97 -0.11 -8.85
N TYR A 29 1.96 0.65 -8.45
CA TYR A 29 1.82 1.11 -7.08
C TYR A 29 1.32 0.01 -6.14
N ILE A 30 0.65 -1.00 -6.66
CA ILE A 30 0.20 -2.08 -5.81
C ILE A 30 1.41 -2.93 -5.44
N LYS A 31 2.35 -3.02 -6.38
CA LYS A 31 3.58 -3.76 -6.20
C LYS A 31 4.62 -2.95 -5.44
N LEU A 32 4.81 -1.70 -5.87
CA LEU A 32 5.77 -0.82 -5.20
C LEU A 32 5.51 -0.79 -3.68
N ILE A 33 4.29 -1.18 -3.29
CA ILE A 33 3.89 -1.24 -1.88
C ILE A 33 4.50 -2.46 -1.21
N ASN A 34 4.21 -3.63 -1.77
CA ASN A 34 4.73 -4.89 -1.23
C ASN A 34 6.24 -4.85 -1.07
N ASN A 35 6.90 -3.97 -1.83
CA ASN A 35 8.36 -3.85 -1.77
C ASN A 35 8.82 -3.18 -0.48
N ALA A 36 7.92 -2.43 0.16
CA ALA A 36 8.26 -1.73 1.40
C ALA A 36 8.68 -2.71 2.49
N LYS A 37 9.60 -2.25 3.35
CA LYS A 37 10.09 -3.08 4.45
C LYS A 37 9.25 -2.88 5.71
N THR A 38 8.84 -1.64 5.92
CA THR A 38 8.01 -1.30 7.09
C THR A 38 6.54 -1.30 6.69
N VAL A 39 5.70 -0.59 7.44
CA VAL A 39 4.29 -0.53 7.12
C VAL A 39 3.75 0.91 7.10
N GLU A 40 4.21 1.72 8.04
CA GLU A 40 3.76 3.11 8.12
C GLU A 40 3.89 3.79 6.76
N GLY A 41 4.90 3.38 6.00
CA GLY A 41 5.10 3.94 4.68
C GLY A 41 4.30 3.21 3.62
N VAL A 42 4.08 1.92 3.86
CA VAL A 42 3.31 1.09 2.92
C VAL A 42 1.92 1.66 2.67
N GLU A 43 1.22 2.00 3.74
CA GLU A 43 -0.12 2.55 3.64
C GLU A 43 -0.09 3.95 3.06
N SER A 44 0.72 4.81 3.67
CA SER A 44 0.86 6.18 3.20
C SER A 44 1.42 6.22 1.78
N LEU A 45 2.10 5.14 1.41
CA LEU A 45 2.68 5.03 0.07
C LEU A 45 1.62 5.16 -1.01
N LYS A 46 0.64 4.27 -0.98
CA LYS A 46 -0.44 4.31 -1.96
C LYS A 46 -1.36 5.50 -1.72
N ASN A 47 -1.64 5.80 -0.45
CA ASN A 47 -2.50 6.92 -0.13
C ASN A 47 -1.84 8.23 -0.58
N GLU A 48 -0.52 8.21 -0.67
CA GLU A 48 0.22 9.38 -1.13
C GLU A 48 0.17 9.46 -2.64
N ILE A 49 0.20 8.31 -3.28
CA ILE A 49 0.13 8.24 -4.74
C ILE A 49 -1.23 8.72 -5.20
N LEU A 50 -2.22 8.53 -4.33
CA LEU A 50 -3.58 8.95 -4.60
C LEU A 50 -3.77 10.42 -4.31
N LYS A 51 -3.04 10.91 -3.31
CA LYS A 51 -3.10 12.33 -2.95
C LYS A 51 -2.78 13.19 -4.17
N ALA A 52 -2.02 12.61 -5.10
CA ALA A 52 -1.63 13.30 -6.32
C ALA A 52 -1.79 12.38 -7.53
N LEU A 53 -2.92 11.68 -7.59
CA LEU A 53 -3.20 10.78 -8.70
C LEU A 53 -3.42 11.54 -10.00
N PRO A 54 -2.49 11.41 -10.97
CA PRO A 54 -2.60 12.10 -12.26
C PRO A 54 -3.89 11.76 -13.00
N THR A 55 -3.92 12.01 -14.30
CA THR A 55 -5.09 11.73 -15.11
C THR A 55 -4.88 10.49 -15.98
N GLU A 56 -3.89 10.55 -16.86
CA GLU A 56 -3.58 9.43 -17.75
C GLU A 56 -2.43 8.60 -17.19
N MET A 1 6.38 -16.99 19.06
CA MET A 1 5.89 -15.93 19.97
C MET A 1 7.03 -14.98 20.34
N GLU A 2 7.20 -13.93 19.54
CA GLU A 2 8.23 -12.94 19.79
C GLU A 2 8.18 -11.81 18.76
N ALA A 3 7.90 -12.18 17.51
CA ALA A 3 7.81 -11.19 16.43
C ALA A 3 6.96 -11.72 15.29
N VAL A 4 5.91 -10.97 14.96
CA VAL A 4 5.00 -11.35 13.88
C VAL A 4 4.31 -10.13 13.29
N ASP A 5 5.00 -8.99 13.33
CA ASP A 5 4.46 -7.75 12.80
C ASP A 5 4.13 -7.89 11.30
N ALA A 6 4.75 -8.86 10.65
CA ALA A 6 4.52 -9.09 9.22
C ALA A 6 3.03 -9.23 8.92
N ASN A 7 2.28 -9.82 9.85
CA ASN A 7 0.85 -9.99 9.66
C ASN A 7 0.14 -8.64 9.61
N SER A 8 0.46 -7.77 10.56
CA SER A 8 -0.14 -6.44 10.61
C SER A 8 0.43 -5.57 9.48
N LEU A 9 1.68 -5.82 9.14
CA LEU A 9 2.35 -5.07 8.08
C LEU A 9 1.76 -5.44 6.72
N ALA A 10 1.56 -6.74 6.50
CA ALA A 10 1.01 -7.23 5.25
C ALA A 10 -0.41 -6.75 5.01
N GLN A 11 -1.09 -6.31 6.07
CA GLN A 11 -2.46 -5.84 5.96
C GLN A 11 -2.48 -4.41 5.47
N ALA A 12 -1.57 -3.58 5.96
CA ALA A 12 -1.51 -2.20 5.54
C ALA A 12 -1.45 -2.12 4.01
N LYS A 13 -0.72 -3.08 3.43
CA LYS A 13 -0.58 -3.15 1.98
C LYS A 13 -1.73 -3.97 1.39
N GLU A 14 -1.94 -5.17 1.93
CA GLU A 14 -3.02 -6.02 1.46
C GLU A 14 -4.30 -5.21 1.45
N ALA A 15 -4.42 -4.34 2.45
CA ALA A 15 -5.58 -3.46 2.57
C ALA A 15 -5.43 -2.26 1.63
N ALA A 16 -4.25 -1.64 1.67
CA ALA A 16 -3.97 -0.47 0.83
C ALA A 16 -4.08 -0.84 -0.65
N ILE A 17 -3.89 -2.12 -0.95
CA ILE A 17 -3.96 -2.62 -2.32
C ILE A 17 -5.42 -2.66 -2.76
N LYS A 18 -6.30 -3.00 -1.84
CA LYS A 18 -7.73 -3.07 -2.13
C LYS A 18 -8.23 -1.74 -2.68
N GLU A 19 -7.65 -0.65 -2.17
CA GLU A 19 -8.02 0.69 -2.63
C GLU A 19 -7.46 0.94 -4.02
N LEU A 20 -6.23 0.50 -4.25
CA LEU A 20 -5.61 0.67 -5.55
C LEU A 20 -6.41 -0.07 -6.62
N LYS A 21 -7.04 -1.17 -6.21
CA LYS A 21 -7.85 -1.95 -7.12
C LYS A 21 -9.23 -1.33 -7.26
N GLN A 22 -9.74 -0.79 -6.15
CA GLN A 22 -11.05 -0.14 -6.14
C GLN A 22 -10.98 1.20 -6.86
N TYR A 23 -9.83 1.84 -6.77
CA TYR A 23 -9.61 3.13 -7.42
C TYR A 23 -9.36 2.95 -8.91
N GLY A 24 -8.55 1.96 -9.24
CA GLY A 24 -8.23 1.68 -10.63
C GLY A 24 -6.79 2.00 -10.97
N ILE A 25 -6.04 2.53 -10.01
CA ILE A 25 -4.63 2.88 -10.24
C ILE A 25 -3.89 1.70 -10.87
N GLY A 26 -2.64 1.93 -11.27
CA GLY A 26 -1.84 0.88 -11.87
C GLY A 26 -1.27 -0.09 -10.86
N ASP A 27 -1.01 -1.31 -11.30
CA ASP A 27 -0.46 -2.35 -10.44
C ASP A 27 0.93 -1.96 -9.94
N TYR A 28 1.59 -1.09 -10.69
CA TYR A 28 2.92 -0.62 -10.30
C TYR A 28 2.94 -0.22 -8.84
N TYR A 29 1.93 0.54 -8.47
CA TYR A 29 1.81 1.06 -7.10
C TYR A 29 1.31 0.00 -6.12
N ILE A 30 0.64 -1.04 -6.60
CA ILE A 30 0.20 -2.10 -5.70
C ILE A 30 1.43 -2.92 -5.32
N LYS A 31 2.36 -3.02 -6.27
CA LYS A 31 3.60 -3.76 -6.09
C LYS A 31 4.63 -2.91 -5.36
N LEU A 32 4.84 -1.68 -5.82
CA LEU A 32 5.80 -0.78 -5.19
C LEU A 32 5.54 -0.71 -3.68
N ILE A 33 4.32 -1.09 -3.28
CA ILE A 33 3.93 -1.10 -1.88
C ILE A 33 4.57 -2.29 -1.17
N ASN A 34 4.31 -3.49 -1.68
CA ASN A 34 4.86 -4.71 -1.10
C ASN A 34 6.37 -4.63 -0.94
N ASN A 35 7.01 -3.78 -1.74
CA ASN A 35 8.46 -3.62 -1.68
C ASN A 35 8.91 -3.00 -0.36
N ALA A 36 8.04 -2.19 0.24
CA ALA A 36 8.36 -1.54 1.50
C ALA A 36 8.72 -2.55 2.59
N LYS A 37 9.66 -2.17 3.44
CA LYS A 37 10.11 -3.03 4.53
C LYS A 37 9.26 -2.81 5.78
N THR A 38 8.87 -1.56 6.00
CA THR A 38 8.05 -1.21 7.15
C THR A 38 6.57 -1.27 6.77
N VAL A 39 5.73 -0.53 7.48
CA VAL A 39 4.30 -0.53 7.18
C VAL A 39 3.72 0.88 7.14
N GLU A 40 4.11 1.72 8.10
CA GLU A 40 3.62 3.09 8.15
C GLU A 40 3.72 3.77 6.80
N GLY A 41 4.78 3.44 6.06
CA GLY A 41 4.97 4.03 4.75
C GLY A 41 4.20 3.28 3.68
N VAL A 42 4.05 1.97 3.88
CA VAL A 42 3.32 1.12 2.93
C VAL A 42 1.91 1.65 2.68
N GLU A 43 1.19 1.94 3.76
CA GLU A 43 -0.18 2.43 3.64
C GLU A 43 -0.21 3.82 3.02
N SER A 44 0.49 4.75 3.67
CA SER A 44 0.56 6.12 3.17
C SER A 44 1.16 6.16 1.78
N LEU A 45 1.94 5.12 1.44
CA LEU A 45 2.58 5.03 0.13
C LEU A 45 1.54 5.16 -0.98
N LYS A 46 0.56 4.27 -0.97
CA LYS A 46 -0.50 4.30 -1.98
C LYS A 46 -1.40 5.52 -1.77
N ASN A 47 -1.73 5.79 -0.52
CA ASN A 47 -2.59 6.93 -0.21
C ASN A 47 -1.93 8.23 -0.69
N GLU A 48 -0.60 8.22 -0.73
CA GLU A 48 0.14 9.39 -1.19
C GLU A 48 0.12 9.45 -2.71
N ILE A 49 0.18 8.27 -3.33
CA ILE A 49 0.14 8.19 -4.79
C ILE A 49 -1.21 8.66 -5.29
N LEU A 50 -2.22 8.49 -4.44
CA LEU A 50 -3.58 8.89 -4.76
C LEU A 50 -3.76 10.38 -4.54
N LYS A 51 -3.02 10.93 -3.58
CA LYS A 51 -3.08 12.35 -3.31
C LYS A 51 -2.62 13.14 -4.53
N ALA A 52 -1.87 12.47 -5.40
CA ALA A 52 -1.36 13.08 -6.61
C ALA A 52 -1.25 12.07 -7.75
N LEU A 53 -2.36 11.38 -8.02
CA LEU A 53 -2.40 10.38 -9.08
C LEU A 53 -2.63 11.03 -10.44
N PRO A 54 -2.18 10.37 -11.53
CA PRO A 54 -2.35 10.90 -12.89
C PRO A 54 -3.80 11.11 -13.24
N THR A 55 -4.07 11.31 -14.53
CA THR A 55 -5.44 11.53 -15.01
C THR A 55 -6.05 10.24 -15.53
N GLU A 56 -7.38 10.19 -15.58
CA GLU A 56 -8.08 9.01 -16.07
C GLU A 56 -9.19 9.41 -17.05
N MET A 1 3.03 -14.91 20.78
CA MET A 1 3.18 -14.50 22.19
C MET A 1 4.52 -13.82 22.43
N GLU A 2 5.03 -13.14 21.41
CA GLU A 2 6.31 -12.45 21.51
C GLU A 2 6.37 -11.29 20.51
N ALA A 3 6.24 -11.61 19.23
CA ALA A 3 6.29 -10.59 18.18
C ALA A 3 5.83 -11.16 16.84
N VAL A 4 4.86 -10.49 16.22
CA VAL A 4 4.35 -10.93 14.93
C VAL A 4 3.75 -9.77 14.15
N ASP A 5 4.35 -8.59 14.31
CA ASP A 5 3.87 -7.40 13.63
C ASP A 5 3.87 -7.59 12.11
N ALA A 6 4.67 -8.54 11.63
CA ALA A 6 4.75 -8.82 10.20
C ALA A 6 3.36 -9.02 9.59
N ASN A 7 2.44 -9.56 10.38
CA ASN A 7 1.08 -9.80 9.93
C ASN A 7 0.34 -8.48 9.72
N SER A 8 0.43 -7.60 10.72
CA SER A 8 -0.21 -6.30 10.64
C SER A 8 0.36 -5.49 9.47
N LEU A 9 1.64 -5.71 9.20
CA LEU A 9 2.33 -5.01 8.11
C LEU A 9 1.70 -5.38 6.77
N ALA A 10 1.45 -6.67 6.58
CA ALA A 10 0.87 -7.17 5.35
C ALA A 10 -0.54 -6.63 5.11
N GLN A 11 -1.17 -6.13 6.17
CA GLN A 11 -2.51 -5.59 6.07
C GLN A 11 -2.49 -4.18 5.53
N ALA A 12 -1.59 -3.35 6.04
CA ALA A 12 -1.47 -1.98 5.57
C ALA A 12 -1.40 -1.95 4.05
N LYS A 13 -0.71 -2.95 3.51
CA LYS A 13 -0.56 -3.10 2.07
C LYS A 13 -1.74 -3.88 1.50
N GLU A 14 -1.93 -5.12 2.00
CA GLU A 14 -3.04 -5.94 1.55
C GLU A 14 -4.32 -5.11 1.53
N ALA A 15 -4.42 -4.21 2.50
CA ALA A 15 -5.57 -3.32 2.60
C ALA A 15 -5.46 -2.18 1.57
N ALA A 16 -4.24 -1.65 1.44
CA ALA A 16 -3.98 -0.58 0.48
C ALA A 16 -4.06 -1.13 -0.94
N ILE A 17 -3.83 -2.43 -1.05
CA ILE A 17 -3.87 -3.14 -2.32
C ILE A 17 -5.32 -3.25 -2.81
N LYS A 18 -6.25 -3.27 -1.86
CA LYS A 18 -7.67 -3.36 -2.16
C LYS A 18 -8.20 -2.01 -2.64
N GLU A 19 -7.52 -0.94 -2.27
CA GLU A 19 -7.93 0.39 -2.68
C GLU A 19 -7.37 0.72 -4.06
N LEU A 20 -6.13 0.29 -4.30
CA LEU A 20 -5.49 0.53 -5.58
C LEU A 20 -6.25 -0.18 -6.69
N LYS A 21 -6.83 -1.32 -6.35
CA LYS A 21 -7.61 -2.10 -7.31
C LYS A 21 -9.02 -1.53 -7.43
N GLN A 22 -9.53 -1.02 -6.30
CA GLN A 22 -10.86 -0.43 -6.28
C GLN A 22 -10.83 0.95 -6.94
N TYR A 23 -9.69 1.60 -6.86
CA TYR A 23 -9.51 2.93 -7.45
C TYR A 23 -9.21 2.82 -8.94
N GLY A 24 -8.33 1.88 -9.28
CA GLY A 24 -7.97 1.68 -10.68
C GLY A 24 -6.55 2.14 -10.99
N ILE A 25 -5.86 2.70 -10.00
CA ILE A 25 -4.48 3.17 -10.22
C ILE A 25 -3.64 2.09 -10.90
N GLY A 26 -2.43 2.45 -11.33
CA GLY A 26 -1.56 1.50 -12.00
C GLY A 26 -1.07 0.40 -11.08
N ASP A 27 -0.91 -0.80 -11.62
CA ASP A 27 -0.42 -1.94 -10.86
C ASP A 27 0.96 -1.65 -10.28
N TYR A 28 1.66 -0.71 -10.91
CA TYR A 28 2.99 -0.32 -10.46
C TYR A 28 3.01 -0.05 -8.96
N TYR A 29 2.01 0.67 -8.51
CA TYR A 29 1.88 1.07 -7.11
C TYR A 29 1.46 -0.08 -6.21
N ILE A 30 0.38 -0.78 -6.53
CA ILE A 30 -0.03 -1.91 -5.71
C ILE A 30 1.18 -2.82 -5.48
N LYS A 31 2.08 -2.81 -6.47
CA LYS A 31 3.30 -3.58 -6.43
C LYS A 31 4.40 -2.84 -5.66
N LEU A 32 4.62 -1.58 -6.01
CA LEU A 32 5.64 -0.77 -5.35
C LEU A 32 5.44 -0.80 -3.82
N ILE A 33 4.23 -1.19 -3.40
CA ILE A 33 3.88 -1.29 -2.00
C ILE A 33 4.47 -2.57 -1.40
N ASN A 34 4.12 -3.71 -1.99
CA ASN A 34 4.61 -5.00 -1.53
C ASN A 34 6.13 -5.01 -1.40
N ASN A 35 6.80 -4.12 -2.14
CA ASN A 35 8.26 -4.05 -2.09
C ASN A 35 8.75 -3.42 -0.79
N ALA A 36 7.87 -2.67 -0.12
CA ALA A 36 8.22 -2.01 1.13
C ALA A 36 8.76 -3.00 2.16
N LYS A 37 9.50 -2.47 3.13
CA LYS A 37 10.07 -3.30 4.20
C LYS A 37 9.34 -3.05 5.51
N THR A 38 8.83 -1.83 5.67
CA THR A 38 8.10 -1.46 6.88
C THR A 38 6.60 -1.45 6.58
N VAL A 39 5.83 -0.64 7.30
CA VAL A 39 4.40 -0.57 7.07
C VAL A 39 3.87 0.86 7.05
N GLU A 40 4.32 1.68 8.00
CA GLU A 40 3.88 3.07 8.09
C GLU A 40 3.95 3.75 6.73
N GLY A 41 5.03 3.49 6.00
CA GLY A 41 5.18 4.07 4.68
C GLY A 41 4.35 3.37 3.64
N VAL A 42 4.04 2.11 3.89
CA VAL A 42 3.24 1.31 2.96
C VAL A 42 1.83 1.88 2.78
N GLU A 43 1.12 2.04 3.89
CA GLU A 43 -0.24 2.56 3.85
C GLU A 43 -0.25 3.97 3.28
N SER A 44 0.69 4.79 3.73
CA SER A 44 0.80 6.17 3.27
C SER A 44 1.34 6.19 1.84
N LEU A 45 2.04 5.12 1.46
CA LEU A 45 2.62 5.01 0.13
C LEU A 45 1.54 5.13 -0.95
N LYS A 46 0.57 4.23 -0.91
CA LYS A 46 -0.53 4.24 -1.88
C LYS A 46 -1.42 5.46 -1.65
N ASN A 47 -1.80 5.70 -0.41
CA ASN A 47 -2.65 6.84 -0.09
C ASN A 47 -2.01 8.13 -0.55
N GLU A 48 -0.68 8.15 -0.58
CA GLU A 48 0.06 9.33 -1.03
C GLU A 48 0.02 9.41 -2.54
N ILE A 49 0.12 8.25 -3.18
CA ILE A 49 0.07 8.18 -4.64
C ILE A 49 -1.30 8.66 -5.13
N LEU A 50 -2.30 8.44 -4.29
CA LEU A 50 -3.66 8.82 -4.59
C LEU A 50 -3.86 10.31 -4.32
N LYS A 51 -3.15 10.83 -3.32
CA LYS A 51 -3.24 12.24 -2.98
C LYS A 51 -2.85 13.09 -4.19
N ALA A 52 -2.09 12.50 -5.09
CA ALA A 52 -1.65 13.18 -6.30
C ALA A 52 -1.70 12.26 -7.51
N LEU A 53 -2.89 11.81 -7.86
CA LEU A 53 -3.08 10.92 -8.99
C LEU A 53 -3.25 11.72 -10.28
N PRO A 54 -2.58 11.31 -11.38
CA PRO A 54 -2.68 12.00 -12.67
C PRO A 54 -4.07 11.87 -13.28
N THR A 55 -4.98 12.73 -12.86
CA THR A 55 -6.35 12.72 -13.37
C THR A 55 -6.92 14.13 -13.45
N GLU A 56 -7.04 14.65 -14.67
CA GLU A 56 -7.57 15.99 -14.88
C GLU A 56 -9.04 15.94 -15.28
N MET A 1 8.77 -20.30 20.58
CA MET A 1 8.78 -18.82 20.43
C MET A 1 7.64 -18.34 19.55
N GLU A 2 7.57 -17.02 19.32
CA GLU A 2 6.52 -16.44 18.51
C GLU A 2 6.98 -15.13 17.89
N ALA A 3 6.66 -14.94 16.61
CA ALA A 3 7.03 -13.72 15.90
C ALA A 3 6.37 -13.66 14.54
N VAL A 4 5.40 -12.75 14.40
CA VAL A 4 4.68 -12.59 13.15
C VAL A 4 4.16 -11.16 12.99
N ASP A 5 4.97 -10.19 13.41
CA ASP A 5 4.59 -8.79 13.33
C ASP A 5 4.24 -8.41 11.89
N ALA A 6 4.81 -9.12 10.94
CA ALA A 6 4.55 -8.86 9.52
C ALA A 6 3.07 -8.95 9.20
N ASN A 7 2.32 -9.68 10.03
CA ASN A 7 0.88 -9.83 9.83
C ASN A 7 0.19 -8.48 9.78
N SER A 8 0.51 -7.61 10.74
CA SER A 8 -0.07 -6.28 10.79
C SER A 8 0.46 -5.43 9.64
N LEU A 9 1.70 -5.70 9.24
CA LEU A 9 2.33 -4.98 8.16
C LEU A 9 1.69 -5.35 6.82
N ALA A 10 1.47 -6.64 6.62
CA ALA A 10 0.88 -7.14 5.38
C ALA A 10 -0.54 -6.63 5.18
N GLN A 11 -1.17 -6.16 6.26
CA GLN A 11 -2.52 -5.65 6.18
C GLN A 11 -2.54 -4.23 5.64
N ALA A 12 -1.61 -3.40 6.12
CA ALA A 12 -1.52 -2.03 5.66
C ALA A 12 -1.50 -1.99 4.13
N LYS A 13 -0.82 -2.99 3.56
CA LYS A 13 -0.73 -3.13 2.11
C LYS A 13 -1.91 -3.92 1.60
N GLU A 14 -2.07 -5.15 2.08
CA GLU A 14 -3.19 -6.00 1.68
C GLU A 14 -4.47 -5.17 1.68
N ALA A 15 -4.55 -4.25 2.64
CA ALA A 15 -5.70 -3.36 2.77
C ALA A 15 -5.57 -2.16 1.83
N ALA A 16 -4.37 -1.59 1.77
CA ALA A 16 -4.11 -0.45 0.89
C ALA A 16 -4.16 -0.88 -0.57
N ILE A 17 -3.90 -2.16 -0.78
CA ILE A 17 -3.90 -2.76 -2.11
C ILE A 17 -5.33 -2.88 -2.62
N LYS A 18 -6.26 -3.13 -1.70
CA LYS A 18 -7.67 -3.24 -2.05
C LYS A 18 -8.20 -1.93 -2.59
N GLU A 19 -7.62 -0.83 -2.09
CA GLU A 19 -8.03 0.49 -2.53
C GLU A 19 -7.45 0.79 -3.90
N LEU A 20 -6.20 0.40 -4.10
CA LEU A 20 -5.53 0.62 -5.38
C LEU A 20 -6.29 -0.07 -6.50
N LYS A 21 -6.90 -1.22 -6.18
CA LYS A 21 -7.68 -1.96 -7.15
C LYS A 21 -9.06 -1.34 -7.27
N GLN A 22 -9.59 -0.87 -6.15
CA GLN A 22 -10.90 -0.23 -6.13
C GLN A 22 -10.83 1.11 -6.85
N TYR A 23 -9.66 1.73 -6.82
CA TYR A 23 -9.44 3.01 -7.47
C TYR A 23 -9.13 2.82 -8.95
N GLY A 24 -8.28 1.84 -9.23
CA GLY A 24 -7.91 1.55 -10.61
C GLY A 24 -6.51 2.03 -10.95
N ILE A 25 -5.81 2.60 -9.97
CA ILE A 25 -4.44 3.11 -10.21
C ILE A 25 -3.59 2.04 -10.91
N GLY A 26 -2.38 2.42 -11.33
CA GLY A 26 -1.51 1.48 -12.02
C GLY A 26 -1.00 0.37 -11.12
N ASP A 27 -0.84 -0.82 -11.69
CA ASP A 27 -0.33 -1.97 -10.94
C ASP A 27 1.04 -1.67 -10.36
N TYR A 28 1.74 -0.72 -10.96
CA TYR A 28 3.07 -0.32 -10.51
C TYR A 28 3.08 -0.09 -8.99
N TYR A 29 2.06 0.60 -8.53
CA TYR A 29 1.93 0.96 -7.12
C TYR A 29 1.55 -0.23 -6.25
N ILE A 30 0.46 -0.90 -6.53
CA ILE A 30 0.08 -2.07 -5.74
C ILE A 30 1.32 -2.93 -5.49
N LYS A 31 2.24 -2.89 -6.45
CA LYS A 31 3.50 -3.62 -6.37
C LYS A 31 4.53 -2.81 -5.59
N LEU A 32 4.70 -1.53 -5.95
CA LEU A 32 5.66 -0.68 -5.29
C LEU A 32 5.42 -0.68 -3.77
N ILE A 33 4.22 -1.11 -3.37
CA ILE A 33 3.84 -1.19 -1.96
C ILE A 33 4.47 -2.43 -1.32
N ASN A 34 4.19 -3.60 -1.90
CA ASN A 34 4.71 -4.86 -1.38
C ASN A 34 6.23 -4.80 -1.21
N ASN A 35 6.88 -3.90 -1.94
CA ASN A 35 8.33 -3.75 -1.88
C ASN A 35 8.77 -3.12 -0.56
N ALA A 36 7.90 -2.32 0.04
CA ALA A 36 8.22 -1.65 1.30
C ALA A 36 8.67 -2.65 2.36
N LYS A 37 9.53 -2.18 3.27
CA LYS A 37 10.04 -3.03 4.34
C LYS A 37 9.25 -2.81 5.62
N THR A 38 8.84 -1.56 5.85
CA THR A 38 8.06 -1.21 7.03
C THR A 38 6.57 -1.25 6.69
N VAL A 39 5.76 -0.49 7.42
CA VAL A 39 4.33 -0.48 7.15
C VAL A 39 3.76 0.93 7.11
N GLU A 40 4.17 1.77 8.06
CA GLU A 40 3.69 3.15 8.11
C GLU A 40 3.82 3.82 6.75
N GLY A 41 4.83 3.41 5.99
CA GLY A 41 5.03 3.98 4.67
C GLY A 41 4.24 3.24 3.61
N VAL A 42 4.00 1.95 3.84
CA VAL A 42 3.26 1.14 2.90
C VAL A 42 1.85 1.68 2.67
N GLU A 43 1.15 1.97 3.75
CA GLU A 43 -0.21 2.50 3.66
C GLU A 43 -0.20 3.91 3.09
N SER A 44 0.63 4.77 3.67
CA SER A 44 0.74 6.15 3.22
C SER A 44 1.29 6.20 1.80
N LEU A 45 1.99 5.14 1.41
CA LEU A 45 2.57 5.05 0.07
C LEU A 45 1.50 5.17 -1.00
N LYS A 46 0.54 4.25 -0.99
CA LYS A 46 -0.54 4.27 -1.97
C LYS A 46 -1.46 5.46 -1.75
N ASN A 47 -1.83 5.70 -0.50
CA ASN A 47 -2.72 6.81 -0.18
C ASN A 47 -2.09 8.13 -0.63
N GLU A 48 -0.76 8.16 -0.69
CA GLU A 48 -0.04 9.35 -1.13
C GLU A 48 -0.04 9.41 -2.65
N ILE A 49 0.11 8.25 -3.27
CA ILE A 49 0.10 8.17 -4.73
C ILE A 49 -1.25 8.64 -5.25
N LEU A 50 -2.28 8.35 -4.46
CA LEU A 50 -3.64 8.72 -4.80
C LEU A 50 -3.83 10.23 -4.65
N LYS A 51 -3.13 10.82 -3.70
CA LYS A 51 -3.20 12.26 -3.49
C LYS A 51 -2.79 12.99 -4.76
N ALA A 52 -1.97 12.32 -5.56
CA ALA A 52 -1.49 12.89 -6.82
C ALA A 52 -1.37 11.81 -7.89
N LEU A 53 -2.51 11.34 -8.38
CA LEU A 53 -2.54 10.30 -9.40
C LEU A 53 -1.76 10.74 -10.65
N PRO A 54 -2.06 11.93 -11.19
CA PRO A 54 -1.38 12.45 -12.38
C PRO A 54 0.13 12.41 -12.25
N THR A 55 0.80 11.97 -13.31
CA THR A 55 2.25 11.88 -13.31
C THR A 55 2.88 13.26 -13.41
N GLU A 56 3.25 13.82 -12.26
CA GLU A 56 3.87 15.15 -12.21
C GLU A 56 4.79 15.27 -11.01
N MET A 1 0.01 -11.95 23.51
CA MET A 1 1.01 -11.13 22.76
C MET A 1 2.32 -11.89 22.60
N GLU A 2 2.67 -12.20 21.35
CA GLU A 2 3.91 -12.92 21.07
C GLU A 2 4.68 -12.23 19.95
N ALA A 3 4.15 -12.29 18.74
CA ALA A 3 4.80 -11.66 17.59
C ALA A 3 3.98 -11.87 16.33
N VAL A 4 3.54 -10.75 15.74
CA VAL A 4 2.74 -10.80 14.52
C VAL A 4 2.83 -9.49 13.75
N ASP A 5 3.97 -8.83 13.87
CA ASP A 5 4.19 -7.55 13.18
C ASP A 5 4.08 -7.73 11.67
N ALA A 6 4.48 -8.90 11.18
CA ALA A 6 4.42 -9.20 9.76
C ALA A 6 2.97 -9.32 9.28
N ASN A 7 2.11 -9.86 10.14
CA ASN A 7 0.70 -10.02 9.81
C ASN A 7 0.02 -8.68 9.64
N SER A 8 0.26 -7.78 10.59
CA SER A 8 -0.32 -6.45 10.55
C SER A 8 0.31 -5.64 9.42
N LEU A 9 1.58 -5.90 9.15
CA LEU A 9 2.31 -5.20 8.09
C LEU A 9 1.72 -5.54 6.73
N ALA A 10 1.47 -6.84 6.51
CA ALA A 10 0.92 -7.31 5.25
C ALA A 10 -0.49 -6.78 5.01
N GLN A 11 -1.16 -6.34 6.07
CA GLN A 11 -2.51 -5.82 5.96
C GLN A 11 -2.49 -4.39 5.45
N ALA A 12 -1.57 -3.58 5.96
CA ALA A 12 -1.45 -2.20 5.52
C ALA A 12 -1.40 -2.14 4.00
N LYS A 13 -0.70 -3.11 3.43
CA LYS A 13 -0.57 -3.21 1.97
C LYS A 13 -1.72 -4.02 1.39
N GLU A 14 -1.93 -5.23 1.92
CA GLU A 14 -3.02 -6.07 1.46
C GLU A 14 -4.30 -5.26 1.43
N ALA A 15 -4.42 -4.37 2.42
CA ALA A 15 -5.57 -3.48 2.51
C ALA A 15 -5.41 -2.29 1.57
N ALA A 16 -4.23 -1.66 1.62
CA ALA A 16 -3.96 -0.51 0.76
C ALA A 16 -4.05 -0.90 -0.71
N ILE A 17 -3.84 -2.19 -0.98
CA ILE A 17 -3.90 -2.71 -2.34
C ILE A 17 -5.35 -2.76 -2.82
N LYS A 18 -6.24 -3.10 -1.90
CA LYS A 18 -7.67 -3.18 -2.21
C LYS A 18 -8.18 -1.84 -2.73
N GLU A 19 -7.56 -0.76 -2.27
CA GLU A 19 -7.93 0.58 -2.70
C GLU A 19 -7.40 0.87 -4.09
N LEU A 20 -6.20 0.37 -4.37
CA LEU A 20 -5.59 0.56 -5.68
C LEU A 20 -6.45 -0.09 -6.76
N LYS A 21 -7.09 -1.20 -6.40
CA LYS A 21 -7.95 -1.92 -7.32
C LYS A 21 -9.33 -1.28 -7.34
N GLN A 22 -9.79 -0.83 -6.17
CA GLN A 22 -11.09 -0.19 -6.06
C GLN A 22 -11.06 1.19 -6.72
N TYR A 23 -9.88 1.80 -6.72
CA TYR A 23 -9.70 3.11 -7.31
C TYR A 23 -9.47 2.99 -8.81
N GLY A 24 -8.69 1.99 -9.21
CA GLY A 24 -8.40 1.78 -10.61
C GLY A 24 -6.94 2.04 -10.94
N ILE A 25 -6.18 2.58 -9.99
CA ILE A 25 -4.76 2.86 -10.22
C ILE A 25 -4.05 1.65 -10.84
N GLY A 26 -2.79 1.83 -11.24
CA GLY A 26 -2.05 0.74 -11.83
C GLY A 26 -1.45 -0.20 -10.80
N ASP A 27 -1.01 -1.37 -11.25
CA ASP A 27 -0.43 -2.35 -10.35
C ASP A 27 0.96 -1.92 -9.89
N TYR A 28 1.60 -1.05 -10.67
CA TYR A 28 2.93 -0.55 -10.31
C TYR A 28 2.95 -0.14 -8.84
N TYR A 29 1.94 0.61 -8.46
CA TYR A 29 1.82 1.12 -7.10
C TYR A 29 1.34 0.06 -6.11
N ILE A 30 0.66 -0.98 -6.59
CA ILE A 30 0.25 -2.05 -5.69
C ILE A 30 1.48 -2.87 -5.32
N LYS A 31 2.39 -2.97 -6.28
CA LYS A 31 3.63 -3.70 -6.11
C LYS A 31 4.67 -2.86 -5.38
N LEU A 32 4.86 -1.62 -5.84
CA LEU A 32 5.82 -0.72 -5.21
C LEU A 32 5.56 -0.65 -3.70
N ILE A 33 4.34 -1.04 -3.29
CA ILE A 33 3.94 -1.06 -1.90
C ILE A 33 4.57 -2.23 -1.17
N ASN A 34 4.34 -3.43 -1.68
CA ASN A 34 4.88 -4.65 -1.09
C ASN A 34 6.40 -4.57 -0.96
N ASN A 35 7.03 -3.73 -1.76
CA ASN A 35 8.48 -3.58 -1.74
C ASN A 35 8.95 -2.86 -0.47
N ALA A 36 8.07 -2.10 0.16
CA ALA A 36 8.42 -1.36 1.38
C ALA A 36 9.03 -2.29 2.44
N LYS A 37 9.97 -1.76 3.20
CA LYS A 37 10.63 -2.52 4.26
C LYS A 37 9.97 -2.29 5.62
N THR A 38 8.82 -1.62 5.61
CA THR A 38 8.09 -1.33 6.84
C THR A 38 6.59 -1.41 6.56
N VAL A 39 5.79 -0.63 7.29
CA VAL A 39 4.35 -0.64 7.07
C VAL A 39 3.76 0.76 7.07
N GLU A 40 4.19 1.60 8.01
CA GLU A 40 3.70 2.97 8.09
C GLU A 40 3.79 3.67 6.74
N GLY A 41 4.84 3.36 6.00
CA GLY A 41 5.02 3.95 4.69
C GLY A 41 4.24 3.22 3.63
N VAL A 42 4.07 1.92 3.82
CA VAL A 42 3.33 1.08 2.88
C VAL A 42 1.93 1.61 2.64
N GLU A 43 1.22 1.89 3.72
CA GLU A 43 -0.15 2.40 3.62
C GLU A 43 -0.18 3.79 3.03
N SER A 44 0.54 4.72 3.66
CA SER A 44 0.61 6.09 3.19
C SER A 44 1.20 6.14 1.78
N LEU A 45 1.97 5.11 1.43
CA LEU A 45 2.59 5.03 0.10
C LEU A 45 1.54 5.17 -0.99
N LYS A 46 0.57 4.26 -0.99
CA LYS A 46 -0.49 4.30 -1.99
C LYS A 46 -1.36 5.54 -1.77
N ASN A 47 -1.66 5.84 -0.52
CA ASN A 47 -2.48 7.00 -0.21
C ASN A 47 -1.81 8.27 -0.70
N GLU A 48 -0.48 8.23 -0.76
CA GLU A 48 0.30 9.38 -1.24
C GLU A 48 0.24 9.43 -2.76
N ILE A 49 0.22 8.25 -3.38
CA ILE A 49 0.14 8.15 -4.83
C ILE A 49 -1.22 8.65 -5.30
N LEU A 50 -2.21 8.50 -4.43
CA LEU A 50 -3.56 8.92 -4.71
C LEU A 50 -3.72 10.41 -4.43
N LYS A 51 -2.97 10.91 -3.45
CA LYS A 51 -3.02 12.32 -3.12
C LYS A 51 -2.56 13.15 -4.31
N ALA A 52 -1.82 12.51 -5.21
CA ALA A 52 -1.33 13.17 -6.42
C ALA A 52 -1.29 12.22 -7.60
N LEU A 53 -2.46 11.86 -8.09
CA LEU A 53 -2.57 10.94 -9.22
C LEU A 53 -2.46 11.70 -10.55
N PRO A 54 -1.90 11.06 -11.58
CA PRO A 54 -1.73 11.68 -12.90
C PRO A 54 -3.07 11.98 -13.57
N THR A 55 -4.12 11.30 -13.12
CA THR A 55 -5.45 11.49 -13.68
C THR A 55 -5.88 12.95 -13.57
N GLU A 56 -5.91 13.46 -12.35
CA GLU A 56 -6.31 14.84 -12.11
C GLU A 56 -5.19 15.80 -12.52
#